data_8X98
#
_entry.id   8X98
#
_cell.length_a   1.00
_cell.length_b   1.00
_cell.length_c   1.00
_cell.angle_alpha   90.00
_cell.angle_beta   90.00
_cell.angle_gamma   90.00
#
_symmetry.space_group_name_H-M   'P 1'
#
loop_
_entity.id
_entity.type
_entity.pdbx_description
1 polymer 'Capsid protein VP1'
2 polymer 'Capsid protein VP4'
3 polymer 'Capsid protein VP2'
4 polymer 'Capsid protein VP3'
#
loop_
_entity_poly.entity_id
_entity_poly.type
_entity_poly.pdbx_seq_one_letter_code
_entity_poly.pdbx_strand_id
1 'polypeptide(L)' MGSQVSTQRSGSHENSNSASEGSTINYTTINYYKDAYAASAGRQDMSQDPKKFTDPVMDVIHEMAPPLK D
2 'polypeptide(L)'
;GDPIADMIDQTVNNQVNRSLTALQVLPTAANTEASSHRLGTGVVPALQAAETGASSNASDKNLIETRCVLNHHSTQETAI
GNFFSRAGLVSIITMPTTDTQNTDGYVNWDIDLMGYAQLRRKCELFTYMRFDAEFTFVVAKPNGVLVPQLLQYMYVPPGA
PKPTSRDSFAWQTATNPSVFVKMTDPPAQVSVPFMSPASAYQWFYDGYPTFGEHLQANDLDYGQCPNNMMGTFSIRTVGT
EKSPHSITLRVYMRIKHVRAWIPRPLRNQPYLFKTNPNYKGNDIKCTSTSRDKITTL
;
A
3 'polypeptide(L)'
;SPSAEACGYSDRVAQLTIGNSTITTQEAANIVIAYGEWPEYCPDTDATAVDKPTRPDVSVNRFFTLDTKSWAKDSKGWYW
KFPDVLTEVGVFGQNAQFHYLYRSGFCVHVQCNASKFHQGALLVAVLPEYVLGTIAGGTGNENSHPPYATTQPGQVGAVL
THPYVLDAGIPLSQLTVCPHQWINLRTNNCATIIVPYMNTVPFDSALNHCNFGLLVIPVVPLDFNAGATSEIPITVTIAP
MCAEFAGLRQAVKQ
;
B
4 'polypeptide(L)'
;GIPTELKPGTNQFLTTDDGVSAPILPGFHPTPPIHIPGEVHNLLEICRVETILEVNNLKTNETTPMQRLCFPVSVQSKTG
ELCAAFRADPGRDGPWQSTILGQLCRYYTQWSGSLEVTFMFAGSFMATGKMLIAYTPPGGNVPADRITAMLGTHVIWDFG
LQSSVTLVVPWISNTHYRAHARAGYFDYYTTGIITIWYQTNYVVPIGAPTTAYIVALAAAQDNFTMKLCKDTEDIEQTAN
IQ
;
C
#
# COMPACT_ATOMS: atom_id res chain seq x y z
N ASN A 15 -26.67 1.75 24.81
CA ASN A 15 -26.74 2.24 23.43
C ASN A 15 -25.63 1.66 22.58
N SER A 16 -25.92 1.40 21.31
CA SER A 16 -24.96 0.81 20.39
C SER A 16 -24.28 1.91 19.59
N ASN A 17 -22.99 2.10 19.83
CA ASN A 17 -22.22 3.11 19.11
C ASN A 17 -20.75 2.69 19.14
N SER A 18 -20.27 2.12 18.04
CA SER A 18 -18.91 1.61 17.97
C SER A 18 -18.41 1.75 16.54
N ALA A 19 -17.08 1.70 16.39
CA ALA A 19 -16.48 1.81 15.06
C ALA A 19 -16.90 0.65 14.17
N SER A 20 -16.93 -0.56 14.71
CA SER A 20 -17.32 -1.73 13.93
C SER A 20 -18.78 -2.09 14.17
N THR A 28 -18.40 -10.72 22.02
CA THR A 28 -17.36 -11.39 22.80
C THR A 28 -16.38 -10.38 23.39
N THR A 29 -16.91 -9.29 23.94
CA THR A 29 -16.10 -8.24 24.54
C THR A 29 -16.68 -7.86 25.89
N ILE A 30 -15.80 -7.36 26.76
CA ILE A 30 -16.16 -6.98 28.12
C ILE A 30 -16.33 -5.47 28.16
N ASN A 31 -17.50 -5.01 28.62
CA ASN A 31 -17.81 -3.59 28.72
C ASN A 31 -18.32 -3.31 30.13
N TYR A 32 -17.86 -2.19 30.71
CA TYR A 32 -18.22 -1.81 32.06
C TYR A 32 -18.97 -0.49 32.12
N TYR A 33 -19.28 0.13 30.98
CA TYR A 33 -19.88 1.45 30.95
C TYR A 33 -21.11 1.43 30.06
N LYS A 34 -21.81 2.57 30.03
CA LYS A 34 -23.02 2.67 29.22
C LYS A 34 -22.71 2.76 27.74
N ASP A 35 -21.69 3.52 27.37
CA ASP A 35 -21.34 3.67 25.96
C ASP A 35 -20.74 2.38 25.42
N ALA A 36 -20.96 2.15 24.12
CA ALA A 36 -20.48 0.94 23.47
C ALA A 36 -19.08 1.09 22.87
N TYR A 37 -18.57 2.32 22.76
CA TYR A 37 -17.23 2.53 22.23
C TYR A 37 -16.15 2.48 23.30
N ALA A 38 -16.53 2.17 24.55
CA ALA A 38 -15.58 1.99 25.64
C ALA A 38 -15.59 0.50 25.99
N ALA A 39 -14.77 -0.27 25.28
CA ALA A 39 -14.68 -1.71 25.51
C ALA A 39 -13.35 -2.19 24.97
N SER A 40 -12.99 -3.41 25.38
CA SER A 40 -11.74 -4.03 24.96
C SER A 40 -12.04 -5.08 23.90
N ALA A 41 -11.34 -5.00 22.78
CA ALA A 41 -11.55 -5.95 21.69
C ALA A 41 -11.14 -7.35 22.13
N GLY A 42 -11.97 -8.33 21.78
CA GLY A 42 -11.72 -9.72 22.09
C GLY A 42 -10.96 -10.44 20.99
N ARG A 43 -11.24 -11.73 20.86
CA ARG A 43 -10.66 -12.52 19.78
C ARG A 43 -11.06 -11.93 18.43
N GLN A 44 -10.08 -11.39 17.70
CA GLN A 44 -10.37 -10.74 16.43
C GLN A 44 -10.86 -11.76 15.40
N ASP A 45 -11.63 -11.27 14.44
CA ASP A 45 -12.19 -12.14 13.43
C ASP A 45 -11.10 -12.69 12.52
N MET A 46 -11.20 -13.97 12.20
CA MET A 46 -10.24 -14.65 11.34
C MET A 46 -10.94 -14.96 10.01
N SER A 47 -10.86 -14.02 9.08
CA SER A 47 -11.50 -14.18 7.78
C SER A 47 -10.79 -13.35 6.72
N GLN A 48 -10.46 -13.96 5.59
CA GLN A 48 -9.77 -13.30 4.50
C GLN A 48 -10.41 -13.69 3.18
N ASP A 49 -10.25 -12.83 2.17
CA ASP A 49 -10.76 -13.11 0.83
C ASP A 49 -9.60 -13.28 -0.12
N PRO A 50 -9.14 -14.50 -0.39
CA PRO A 50 -7.93 -14.67 -1.23
C PRO A 50 -8.03 -14.02 -2.59
N LYS A 51 -9.05 -14.35 -3.38
CA LYS A 51 -9.05 -13.97 -4.79
C LYS A 51 -9.12 -12.46 -4.99
N LYS A 52 -9.73 -11.74 -4.05
CA LYS A 52 -10.07 -10.33 -4.28
C LYS A 52 -8.85 -9.48 -4.60
N PHE A 53 -7.74 -9.68 -3.90
CA PHE A 53 -6.55 -8.88 -4.15
C PHE A 53 -5.60 -9.54 -5.15
N THR A 54 -5.36 -10.85 -5.00
CA THR A 54 -4.36 -11.50 -5.84
C THR A 54 -4.83 -11.65 -7.28
N ASP A 55 -6.07 -12.12 -7.49
CA ASP A 55 -6.55 -12.45 -8.83
C ASP A 55 -7.89 -11.76 -9.06
N PRO A 56 -7.87 -10.44 -9.33
CA PRO A 56 -9.12 -9.72 -9.58
C PRO A 56 -9.55 -9.67 -11.04
N VAL A 57 -8.97 -10.52 -11.89
CA VAL A 57 -9.31 -10.51 -13.30
C VAL A 57 -10.76 -10.97 -13.51
N GLN B 24 -14.73 -15.61 3.43
CA GLN B 24 -14.44 -16.96 3.90
C GLN B 24 -13.59 -16.92 5.17
N VAL B 25 -13.71 -17.95 5.99
CA VAL B 25 -12.95 -18.05 7.23
C VAL B 25 -11.78 -19.01 7.02
N LEU B 26 -10.59 -18.56 7.41
CA LEU B 26 -9.36 -19.37 7.29
C LEU B 26 -8.65 -19.34 8.64
N PRO B 27 -9.12 -20.12 9.61
CA PRO B 27 -8.47 -20.10 10.93
C PRO B 27 -7.01 -20.52 10.89
N THR B 28 -6.67 -21.48 10.03
CA THR B 28 -5.30 -21.96 9.90
C THR B 28 -4.92 -21.96 8.43
N ALA B 29 -3.60 -21.93 8.18
CA ALA B 29 -3.11 -22.00 6.81
C ALA B 29 -3.45 -23.35 6.18
N ALA B 30 -3.58 -23.35 4.86
CA ALA B 30 -3.99 -24.54 4.15
C ALA B 30 -2.95 -25.65 4.28
N ASN B 31 -3.43 -26.88 4.44
CA ASN B 31 -2.54 -28.02 4.55
C ASN B 31 -1.98 -28.38 3.16
N THR B 32 -0.96 -29.23 3.18
CA THR B 32 -0.31 -29.70 1.96
C THR B 32 -0.74 -31.12 1.67
N GLU B 33 -1.21 -31.37 0.45
CA GLU B 33 -1.67 -32.68 0.03
C GLU B 33 -0.54 -33.47 -0.62
N ALA B 34 -0.67 -34.78 -0.59
CA ALA B 34 0.32 -35.65 -1.21
C ALA B 34 0.25 -35.53 -2.74
N SER B 35 1.37 -35.86 -3.39
CA SER B 35 1.46 -35.76 -4.83
C SER B 35 2.46 -36.80 -5.33
N SER B 36 2.62 -36.85 -6.65
CA SER B 36 3.54 -37.78 -7.29
C SER B 36 4.07 -37.12 -8.56
N HIS B 37 4.84 -37.87 -9.35
CA HIS B 37 5.37 -37.35 -10.58
C HIS B 37 4.26 -37.23 -11.64
N ARG B 38 4.45 -36.30 -12.57
CA ARG B 38 3.49 -36.06 -13.64
C ARG B 38 4.25 -35.91 -14.95
N LEU B 39 3.74 -36.56 -15.99
CA LEU B 39 4.34 -36.48 -17.32
C LEU B 39 3.22 -36.51 -18.35
N GLY B 40 3.10 -35.42 -19.10
CA GLY B 40 2.03 -35.32 -20.08
C GLY B 40 2.15 -34.05 -20.89
N THR B 41 1.18 -33.84 -21.77
CA THR B 41 1.15 -32.70 -22.66
C THR B 41 -0.11 -31.88 -22.43
N GLY B 42 -0.03 -30.60 -22.75
CA GLY B 42 -1.15 -29.69 -22.57
C GLY B 42 -1.25 -29.02 -21.22
N VAL B 43 -1.25 -29.80 -20.15
CA VAL B 43 -1.32 -29.24 -18.81
C VAL B 43 0.05 -28.72 -18.41
N VAL B 44 0.08 -27.49 -17.91
CA VAL B 44 1.33 -26.88 -17.46
C VAL B 44 1.03 -25.84 -16.38
N PRO B 45 1.31 -26.15 -15.11
CA PRO B 45 1.09 -25.15 -14.05
C PRO B 45 2.28 -24.23 -13.86
N ALA B 46 3.46 -24.68 -14.30
CA ALA B 46 4.67 -23.89 -14.12
C ALA B 46 4.60 -22.59 -14.90
N LEU B 47 4.19 -22.66 -16.16
CA LEU B 47 4.05 -21.45 -16.97
C LEU B 47 2.87 -20.62 -16.46
N GLN B 48 3.07 -19.31 -16.43
CA GLN B 48 2.05 -18.39 -15.97
C GLN B 48 2.02 -17.19 -16.93
N ALA B 49 1.29 -16.15 -16.53
CA ALA B 49 1.18 -14.92 -17.33
C ALA B 49 1.19 -13.74 -16.36
N ALA B 50 2.38 -13.19 -16.11
CA ALA B 50 2.49 -12.04 -15.22
C ALA B 50 2.01 -10.75 -15.86
N GLU B 51 1.85 -10.72 -17.19
CA GLU B 51 1.36 -9.52 -17.85
C GLU B 51 -0.08 -9.21 -17.46
N THR B 52 -0.84 -10.23 -17.07
CA THR B 52 -2.22 -10.03 -16.65
C THR B 52 -2.35 -9.33 -15.31
N GLY B 53 -1.25 -9.18 -14.57
CA GLY B 53 -1.29 -8.52 -13.29
C GLY B 53 -1.83 -9.36 -12.16
N ALA B 54 -2.05 -10.65 -12.36
CA ALA B 54 -2.56 -11.54 -11.33
C ALA B 54 -1.43 -12.45 -10.86
N SER B 55 -1.30 -12.58 -9.54
CA SER B 55 -0.29 -13.47 -8.98
C SER B 55 -0.59 -14.92 -9.35
N SER B 56 0.47 -15.68 -9.57
CA SER B 56 0.32 -17.06 -10.02
C SER B 56 -0.37 -17.90 -8.95
N ASN B 57 -1.25 -18.79 -9.39
CA ASN B 57 -1.98 -19.67 -8.50
C ASN B 57 -1.38 -21.06 -8.40
N ALA B 58 -0.16 -21.26 -8.89
CA ALA B 58 0.47 -22.56 -8.84
C ALA B 58 0.79 -22.94 -7.40
N SER B 59 0.43 -24.16 -7.03
CA SER B 59 0.69 -24.69 -5.70
C SER B 59 1.93 -25.58 -5.73
N ASP B 60 2.52 -25.76 -4.55
CA ASP B 60 3.77 -26.52 -4.45
C ASP B 60 3.58 -27.96 -4.90
N LYS B 61 2.36 -28.48 -4.80
CA LYS B 61 2.09 -29.85 -5.22
C LYS B 61 2.12 -30.02 -6.74
N ASN B 62 2.15 -28.93 -7.50
CA ASN B 62 2.10 -29.00 -8.95
C ASN B 62 3.47 -28.97 -9.61
N LEU B 63 4.54 -28.87 -8.85
CA LEU B 63 5.87 -28.85 -9.45
C LEU B 63 6.82 -29.86 -8.85
N ILE B 64 6.66 -30.21 -7.56
CA ILE B 64 7.53 -31.17 -6.90
C ILE B 64 6.67 -32.14 -6.10
N GLU B 65 7.23 -33.32 -5.87
CA GLU B 65 6.54 -34.32 -5.07
C GLU B 65 6.64 -33.94 -3.59
N THR B 66 5.49 -33.81 -2.94
CA THR B 66 5.42 -33.33 -1.57
C THR B 66 4.66 -34.33 -0.71
N ARG B 67 5.16 -34.56 0.50
CA ARG B 67 4.46 -35.39 1.46
C ARG B 67 3.26 -34.63 2.03
N CYS B 68 2.34 -35.37 2.62
CA CYS B 68 1.13 -34.81 3.21
C CYS B 68 1.49 -34.21 4.56
N VAL B 69 1.45 -32.89 4.67
CA VAL B 69 1.80 -32.18 5.89
C VAL B 69 0.57 -31.39 6.36
N LEU B 70 0.18 -31.61 7.61
CA LEU B 70 -0.94 -30.91 8.23
C LEU B 70 -0.35 -29.88 9.18
N ASN B 71 -0.74 -28.62 9.01
CA ASN B 71 -0.23 -27.52 9.82
C ASN B 71 -1.35 -26.91 10.65
N HIS B 72 -0.99 -26.44 11.84
CA HIS B 72 -1.94 -25.80 12.75
C HIS B 72 -1.50 -24.41 13.13
N HIS B 73 -0.78 -23.73 12.22
CA HIS B 73 -0.30 -22.38 12.49
C HIS B 73 -1.46 -21.39 12.40
N SER B 74 -1.85 -20.82 13.54
CA SER B 74 -2.95 -19.88 13.55
C SER B 74 -2.53 -18.54 12.93
N THR B 75 -3.53 -17.80 12.45
CA THR B 75 -3.32 -16.52 11.80
C THR B 75 -3.90 -15.36 12.59
N GLN B 76 -4.16 -15.58 13.88
CA GLN B 76 -4.73 -14.52 14.71
C GLN B 76 -3.74 -13.39 14.90
N GLU B 77 -2.44 -13.70 14.97
CA GLU B 77 -1.42 -12.68 15.17
C GLU B 77 -1.28 -11.75 13.97
N THR B 78 -1.77 -12.14 12.81
CA THR B 78 -1.68 -11.32 11.60
C THR B 78 -2.93 -10.49 11.35
N ALA B 79 -3.91 -10.54 12.25
CA ALA B 79 -5.10 -9.71 12.09
C ALA B 79 -4.77 -8.25 12.31
N ILE B 80 -5.51 -7.38 11.63
CA ILE B 80 -5.23 -5.95 11.71
C ILE B 80 -5.43 -5.43 13.13
N GLY B 81 -6.42 -5.98 13.84
CA GLY B 81 -6.66 -5.54 15.20
C GLY B 81 -5.47 -5.79 16.11
N ASN B 82 -4.91 -7.00 16.06
CA ASN B 82 -3.74 -7.31 16.87
C ASN B 82 -2.50 -6.57 16.36
N PHE B 83 -2.40 -6.37 15.05
CA PHE B 83 -1.24 -5.66 14.51
C PHE B 83 -1.23 -4.20 14.95
N PHE B 84 -2.40 -3.57 15.03
CA PHE B 84 -2.47 -2.16 15.37
C PHE B 84 -2.66 -1.89 16.86
N SER B 85 -3.11 -2.88 17.63
CA SER B 85 -3.39 -2.70 19.05
C SER B 85 -2.08 -2.63 19.83
N ARG B 86 -1.41 -1.48 19.71
CA ARG B 86 -0.17 -1.22 20.44
C ARG B 86 -0.03 0.27 20.64
N ALA B 87 0.02 0.70 21.90
CA ALA B 87 0.14 2.13 22.19
C ALA B 87 1.48 2.66 21.72
N GLY B 88 1.47 3.88 21.20
CA GLY B 88 2.69 4.50 20.71
C GLY B 88 2.70 5.99 21.02
N LEU B 89 3.90 6.53 21.18
CA LEU B 89 4.06 7.94 21.45
C LEU B 89 3.62 8.75 20.24
N VAL B 90 2.84 9.79 20.48
CA VAL B 90 2.30 10.61 19.39
C VAL B 90 2.85 12.02 19.47
N SER B 91 3.17 12.48 20.69
CA SER B 91 3.70 13.82 20.86
C SER B 91 4.24 13.96 22.28
N ILE B 92 5.12 14.94 22.46
CA ILE B 92 5.65 15.31 23.76
C ILE B 92 5.37 16.78 23.97
N ILE B 93 5.02 17.15 25.20
CA ILE B 93 4.66 18.52 25.55
C ILE B 93 5.49 18.94 26.75
N THR B 94 6.10 20.12 26.66
CA THR B 94 6.93 20.67 27.73
C THR B 94 6.35 21.99 28.20
N MET B 95 6.41 22.22 29.52
CA MET B 95 5.93 23.45 30.13
C MET B 95 7.06 23.99 31.02
N PRO B 96 8.05 24.66 30.43
CA PRO B 96 9.20 25.20 31.16
C PRO B 96 8.80 26.25 32.19
N ASP B 104 4.18 30.22 30.54
CA ASP B 104 3.14 31.02 31.20
C ASP B 104 2.29 30.12 32.10
N GLY B 105 2.57 28.83 32.04
CA GLY B 105 1.84 27.84 32.82
C GLY B 105 0.79 27.07 32.05
N TYR B 106 0.60 27.37 30.76
CA TYR B 106 -0.36 26.66 29.94
C TYR B 106 0.15 26.63 28.51
N VAL B 107 -0.20 25.57 27.79
CA VAL B 107 0.10 25.44 26.37
C VAL B 107 -1.10 24.84 25.65
N ASN B 108 -1.46 25.44 24.52
CA ASN B 108 -2.54 24.93 23.69
C ASN B 108 -1.92 24.20 22.50
N TRP B 109 -1.97 22.87 22.53
CA TRP B 109 -1.32 22.03 21.54
C TRP B 109 -2.35 21.48 20.58
N ASP B 110 -2.11 21.65 19.29
CA ASP B 110 -3.04 21.18 18.27
C ASP B 110 -2.94 19.66 18.18
N ILE B 111 -4.09 19.02 17.98
CA ILE B 111 -4.18 17.57 17.98
C ILE B 111 -3.78 17.06 16.60
N ASP B 112 -2.71 16.25 16.56
CA ASP B 112 -2.22 15.68 15.31
C ASP B 112 -1.48 14.40 15.68
N LEU B 113 -1.51 13.43 14.76
CA LEU B 113 -0.92 12.13 15.00
C LEU B 113 0.21 11.78 14.03
N MET B 114 0.67 12.74 13.23
CA MET B 114 1.74 12.50 12.26
C MET B 114 3.07 13.12 12.70
N GLY B 115 3.38 13.09 13.99
CA GLY B 115 4.58 13.75 14.48
C GLY B 115 5.76 12.84 14.72
N TYR B 116 5.57 11.52 14.60
CA TYR B 116 6.65 10.58 14.87
C TYR B 116 6.59 9.44 13.86
N ALA B 117 7.77 9.08 13.34
CA ALA B 117 7.84 8.09 12.27
C ALA B 117 7.39 6.71 12.74
N GLN B 118 7.72 6.34 13.98
CA GLN B 118 7.47 4.99 14.46
C GLN B 118 6.00 4.61 14.33
N LEU B 119 5.10 5.58 14.47
CA LEU B 119 3.68 5.34 14.25
C LEU B 119 3.19 5.85 12.91
N ARG B 120 3.81 6.89 12.36
CA ARG B 120 3.38 7.44 11.07
C ARG B 120 3.53 6.40 9.97
N ARG B 121 4.66 5.69 9.95
CA ARG B 121 4.85 4.64 8.97
C ARG B 121 3.84 3.52 9.14
N LYS B 122 3.49 3.20 10.39
CA LYS B 122 2.51 2.15 10.64
C LYS B 122 1.14 2.51 10.10
N CYS B 123 0.63 3.70 10.44
CA CYS B 123 -0.72 4.02 10.02
C CYS B 123 -0.79 4.56 8.59
N GLU B 124 0.35 4.89 7.99
CA GLU B 124 0.35 5.43 6.63
C GLU B 124 0.37 4.33 5.58
N LEU B 125 0.46 3.06 5.98
CA LEU B 125 0.42 1.99 4.99
C LEU B 125 -0.95 1.90 4.35
N PHE B 126 -2.01 2.14 5.12
CA PHE B 126 -3.36 2.20 4.59
C PHE B 126 -3.69 3.64 4.20
N THR B 127 -4.81 3.80 3.48
CA THR B 127 -5.28 5.12 3.08
C THR B 127 -6.41 5.60 3.98
N TYR B 128 -7.50 4.84 4.05
CA TYR B 128 -8.64 5.17 4.88
C TYR B 128 -8.78 4.11 5.96
N MET B 129 -8.92 4.56 7.20
CA MET B 129 -9.17 3.66 8.31
C MET B 129 -10.21 4.28 9.24
N ARG B 130 -11.15 3.46 9.69
CA ARG B 130 -12.11 3.82 10.72
C ARG B 130 -11.80 2.98 11.95
N PHE B 131 -11.63 3.64 13.09
CA PHE B 131 -11.21 2.93 14.29
C PHE B 131 -11.75 3.65 15.52
N ASP B 132 -11.25 3.27 16.68
CA ASP B 132 -11.64 3.85 17.96
C ASP B 132 -10.38 4.06 18.78
N ALA B 133 -10.14 5.30 19.20
CA ALA B 133 -8.88 5.66 19.83
C ALA B 133 -8.99 5.67 21.35
N GLU B 134 -7.94 5.18 22.00
CA GLU B 134 -7.80 5.25 23.45
C GLU B 134 -6.49 5.93 23.77
N PHE B 135 -6.54 6.92 24.67
CA PHE B 135 -5.39 7.77 24.96
C PHE B 135 -4.92 7.53 26.39
N THR B 136 -3.61 7.66 26.59
CA THR B 136 -3.01 7.56 27.91
C THR B 136 -1.98 8.66 28.05
N PHE B 137 -2.00 9.36 29.18
CA PHE B 137 -1.13 10.50 29.42
C PHE B 137 -0.16 10.16 30.56
N VAL B 138 1.13 10.35 30.30
CA VAL B 138 2.17 10.17 31.31
C VAL B 138 2.85 11.52 31.52
N VAL B 139 2.89 11.97 32.77
CA VAL B 139 3.39 13.29 33.12
C VAL B 139 4.50 13.13 34.14
N ALA B 140 5.63 13.81 33.92
CA ALA B 140 6.75 13.76 34.84
C ALA B 140 7.62 14.98 34.62
N LYS B 141 8.49 15.24 35.59
CA LYS B 141 9.45 16.33 35.48
C LYS B 141 10.51 15.99 34.44
N PRO B 142 11.23 16.99 33.93
CA PRO B 142 12.24 16.72 32.89
C PRO B 142 13.27 15.67 33.32
N ASN B 143 13.64 15.66 34.60
CA ASN B 143 14.58 14.66 35.11
C ASN B 143 13.88 13.40 35.60
N GLY B 144 12.56 13.31 35.44
CA GLY B 144 11.82 12.12 35.81
C GLY B 144 11.35 12.07 37.24
N VAL B 145 11.68 13.07 38.06
CA VAL B 145 11.23 13.07 39.44
C VAL B 145 9.73 13.38 39.49
N LEU B 146 9.06 12.87 40.51
CA LEU B 146 7.63 13.07 40.70
C LEU B 146 7.40 14.03 41.87
N VAL B 147 6.57 15.03 41.64
CA VAL B 147 6.26 16.03 42.66
C VAL B 147 4.74 16.19 42.75
N PRO B 148 4.17 16.23 43.95
CA PRO B 148 2.71 16.42 44.07
C PRO B 148 2.29 17.74 43.44
N GLN B 149 1.49 17.64 42.38
CA GLN B 149 0.97 18.81 41.68
C GLN B 149 -0.29 18.39 40.94
N LEU B 150 -1.27 19.29 40.90
CA LEU B 150 -2.55 19.00 40.28
C LEU B 150 -2.63 19.66 38.91
N LEU B 151 -3.03 18.88 37.90
CA LEU B 151 -3.09 19.31 36.52
C LEU B 151 -4.50 19.17 35.99
N GLN B 152 -4.79 19.89 34.92
CA GLN B 152 -6.10 19.86 34.28
C GLN B 152 -5.92 19.78 32.77
N TYR B 153 -6.65 18.86 32.13
CA TYR B 153 -6.62 18.69 30.68
C TYR B 153 -8.01 18.92 30.12
N MET B 154 -8.09 19.68 29.03
CA MET B 154 -9.34 19.92 28.33
C MET B 154 -9.17 19.60 26.85
N TYR B 155 -10.20 19.00 26.26
CA TYR B 155 -10.23 18.76 24.82
C TYR B 155 -11.13 19.81 24.19
N VAL B 156 -10.57 20.62 23.31
CA VAL B 156 -11.28 21.73 22.70
C VAL B 156 -11.70 21.32 21.29
N PRO B 157 -12.99 21.11 21.04
CA PRO B 157 -13.44 20.81 19.68
C PRO B 157 -13.24 21.99 18.76
N PRO B 158 -13.15 21.78 17.46
CA PRO B 158 -12.96 22.90 16.54
C PRO B 158 -14.13 23.89 16.62
N GLY B 159 -13.79 25.17 16.75
CA GLY B 159 -14.76 26.22 16.90
C GLY B 159 -15.04 26.62 18.33
N ALA B 160 -14.70 25.77 19.30
CA ALA B 160 -14.88 26.12 20.70
C ALA B 160 -13.88 27.20 21.10
N PRO B 161 -14.22 28.02 22.11
CA PRO B 161 -13.28 29.06 22.55
C PRO B 161 -11.98 28.46 23.04
N LYS B 162 -10.88 29.16 22.75
CA LYS B 162 -9.56 28.70 23.14
C LYS B 162 -9.03 29.52 24.31
N PRO B 163 -8.65 28.87 25.41
CA PRO B 163 -8.12 29.61 26.56
C PRO B 163 -6.81 30.30 26.21
N THR B 164 -6.61 31.47 26.80
CA THR B 164 -5.42 32.27 26.53
C THR B 164 -4.63 32.62 27.79
N SER B 165 -5.06 32.15 28.96
CA SER B 165 -4.36 32.44 30.20
C SER B 165 -4.62 31.31 31.18
N ARG B 166 -3.78 31.25 32.22
CA ARG B 166 -3.94 30.23 33.25
C ARG B 166 -5.24 30.44 34.02
N ASP B 167 -5.79 31.65 34.01
CA ASP B 167 -7.02 31.98 34.73
C ASP B 167 -8.13 32.44 33.78
N SER B 168 -8.04 32.04 32.51
CA SER B 168 -9.03 32.44 31.53
C SER B 168 -10.40 31.87 31.86
N PHE B 169 -11.44 32.58 31.45
CA PHE B 169 -12.81 32.14 31.71
C PHE B 169 -13.16 30.86 30.97
N ALA B 170 -12.38 30.50 29.94
CA ALA B 170 -12.64 29.26 29.22
C ALA B 170 -12.35 28.02 30.04
N TRP B 171 -11.68 28.17 31.19
CA TRP B 171 -11.37 27.03 32.05
C TRP B 171 -12.56 26.58 32.88
N GLN B 172 -13.69 27.27 32.80
CA GLN B 172 -14.88 26.86 33.55
C GLN B 172 -15.46 25.56 33.06
N THR B 173 -15.02 25.07 31.89
CA THR B 173 -15.43 23.78 31.29
C THR B 173 -16.92 23.50 31.51
N ALA B 174 -17.75 24.43 31.04
CA ALA B 174 -19.19 24.25 31.12
C ALA B 174 -19.64 23.04 30.30
N THR B 175 -19.09 22.89 29.09
CA THR B 175 -19.48 21.81 28.19
C THR B 175 -18.33 20.91 27.78
N ASN B 176 -17.12 21.45 27.60
CA ASN B 176 -16.01 20.63 27.17
C ASN B 176 -15.63 19.61 28.23
N PRO B 177 -15.27 18.39 27.85
CA PRO B 177 -14.83 17.41 28.84
C PRO B 177 -13.52 17.83 29.49
N SER B 178 -13.35 17.43 30.75
CA SER B 178 -12.17 17.79 31.51
C SER B 178 -11.66 16.58 32.27
N VAL B 179 -10.37 16.59 32.56
CA VAL B 179 -9.71 15.55 33.35
C VAL B 179 -8.84 16.24 34.39
N PHE B 180 -8.97 15.82 35.65
CA PHE B 180 -8.16 16.35 36.74
C PHE B 180 -7.44 15.18 37.41
N VAL B 181 -6.14 15.33 37.62
CA VAL B 181 -5.33 14.26 38.18
C VAL B 181 -4.06 14.86 38.77
N LYS B 182 -3.65 14.32 39.92
CA LYS B 182 -2.38 14.69 40.52
C LYS B 182 -1.23 13.97 39.81
N MET B 183 -0.04 14.56 39.88
CA MET B 183 1.11 13.97 39.22
C MET B 183 1.47 12.63 39.81
N THR B 184 1.41 12.49 41.13
CA THR B 184 1.78 11.23 41.77
C THR B 184 0.76 10.13 41.48
N ASP B 185 -0.42 10.47 40.98
CA ASP B 185 -1.43 9.48 40.69
C ASP B 185 -1.04 8.67 39.46
N PRO B 186 -1.61 7.47 39.29
CA PRO B 186 -1.32 6.66 38.10
C PRO B 186 -1.74 7.39 36.84
N PRO B 187 -1.10 7.08 35.71
CA PRO B 187 -1.41 7.78 34.46
C PRO B 187 -2.88 7.61 34.08
N ALA B 188 -3.46 8.69 33.55
CA ALA B 188 -4.87 8.70 33.20
C ALA B 188 -5.12 7.94 31.91
N GLN B 189 -6.29 7.31 31.84
CA GLN B 189 -6.70 6.56 30.65
C GLN B 189 -8.11 7.00 30.27
N VAL B 190 -8.28 7.43 29.03
CA VAL B 190 -9.57 7.85 28.51
C VAL B 190 -9.80 7.20 27.15
N SER B 191 -11.07 7.16 26.75
CA SER B 191 -11.47 6.60 25.46
C SER B 191 -12.15 7.69 24.64
N VAL B 192 -11.74 7.81 23.38
CA VAL B 192 -12.26 8.84 22.47
C VAL B 192 -12.95 8.13 21.32
N PRO B 193 -14.21 8.46 21.03
CA PRO B 193 -14.90 7.82 19.90
C PRO B 193 -14.43 8.36 18.56
N PHE B 194 -14.98 7.83 17.47
CA PHE B 194 -14.62 8.23 16.12
C PHE B 194 -15.40 9.48 15.78
N MET B 195 -14.71 10.63 15.74
CA MET B 195 -15.35 11.94 15.63
C MET B 195 -15.08 12.61 14.29
N SER B 196 -15.11 11.83 13.20
CA SER B 196 -14.91 12.59 11.98
C SER B 196 -16.24 12.78 11.23
N PRO B 197 -16.45 13.93 10.62
CA PRO B 197 -17.68 14.14 9.84
C PRO B 197 -17.84 13.16 8.70
N ALA B 198 -16.74 12.72 8.08
CA ALA B 198 -16.82 11.79 6.96
C ALA B 198 -16.97 10.37 7.51
N SER B 199 -16.92 9.38 6.61
CA SER B 199 -17.07 7.99 7.04
C SER B 199 -15.83 7.46 7.73
N ALA B 200 -14.65 7.94 7.34
CA ALA B 200 -13.41 7.48 7.95
C ALA B 200 -12.33 8.54 7.74
N TYR B 201 -11.29 8.46 8.56
CA TYR B 201 -10.16 9.36 8.42
C TYR B 201 -9.43 9.10 7.11
N GLN B 202 -8.84 10.16 6.56
CA GLN B 202 -8.03 10.06 5.35
C GLN B 202 -6.68 10.69 5.63
N TRP B 203 -5.61 9.92 5.41
CA TRP B 203 -4.26 10.43 5.60
C TRP B 203 -3.73 11.19 4.40
N PHE B 204 -4.51 11.28 3.32
CA PHE B 204 -4.10 11.98 2.11
C PHE B 204 -5.30 12.73 1.55
N TYR B 205 -5.07 13.95 1.08
CA TYR B 205 -6.10 14.74 0.40
C TYR B 205 -5.48 15.40 -0.83
N ASP B 206 -5.65 14.74 -1.98
CA ASP B 206 -5.16 15.28 -3.25
C ASP B 206 -6.18 16.29 -3.76
N GLY B 207 -6.01 17.53 -3.35
CA GLY B 207 -6.91 18.60 -3.76
C GLY B 207 -6.87 19.73 -2.76
N TYR B 208 -7.78 20.68 -2.97
CA TYR B 208 -7.86 21.84 -2.12
C TYR B 208 -9.21 21.91 -1.42
N PRO B 209 -9.23 22.27 -0.14
CA PRO B 209 -10.51 22.38 0.57
C PRO B 209 -11.30 23.62 0.21
N THR B 210 -10.68 24.61 -0.43
CA THR B 210 -11.35 25.86 -0.77
C THR B 210 -11.40 26.02 -2.28
N PHE B 211 -12.46 26.67 -2.74
CA PHE B 211 -12.66 26.90 -4.17
C PHE B 211 -11.67 27.93 -4.70
N ASP B 219 -0.39 27.84 -1.93
CA ASP B 219 0.23 26.58 -2.34
C ASP B 219 0.44 25.67 -1.13
N LEU B 220 0.75 26.28 0.01
CA LEU B 220 0.90 25.52 1.25
C LEU B 220 -0.44 24.93 1.71
N ASP B 221 -1.54 25.43 1.18
CA ASP B 221 -2.88 24.93 1.50
C ASP B 221 -3.06 23.50 1.00
N TYR B 222 -2.45 23.16 -0.13
CA TYR B 222 -2.62 21.85 -0.75
C TYR B 222 -2.31 20.73 0.23
N GLY B 223 -3.14 19.68 0.21
CA GLY B 223 -2.94 18.53 1.05
C GLY B 223 -3.57 18.60 2.42
N GLN B 224 -4.28 19.67 2.75
CA GLN B 224 -4.91 19.83 4.05
C GLN B 224 -6.35 19.37 3.97
N CYS B 225 -6.64 18.23 4.58
CA CYS B 225 -8.00 17.71 4.61
C CYS B 225 -8.75 18.26 5.82
N PRO B 226 -9.88 18.94 5.62
CA PRO B 226 -10.65 19.44 6.77
C PRO B 226 -11.16 18.35 7.70
N ASN B 227 -11.34 17.12 7.19
CA ASN B 227 -11.91 16.04 7.99
C ASN B 227 -10.93 15.47 9.01
N ASN B 228 -9.71 15.99 9.08
CA ASN B 228 -8.72 15.52 10.03
C ASN B 228 -8.50 16.46 11.20
N MET B 229 -8.75 17.76 11.04
CA MET B 229 -8.60 18.70 12.13
C MET B 229 -9.69 18.43 13.17
N MET B 230 -9.33 17.76 14.25
CA MET B 230 -10.28 17.37 15.30
C MET B 230 -10.13 18.24 16.54
N GLY B 231 -9.88 19.52 16.36
CA GLY B 231 -9.72 20.41 17.49
C GLY B 231 -8.32 20.37 18.06
N THR B 232 -8.16 21.00 19.22
CA THR B 232 -6.85 21.11 19.84
C THR B 232 -6.84 20.55 21.26
N PHE B 233 -5.72 20.71 21.95
CA PHE B 233 -5.53 20.18 23.29
C PHE B 233 -4.83 21.23 24.13
N SER B 234 -5.26 21.38 25.38
CA SER B 234 -4.71 22.39 26.27
C SER B 234 -4.52 21.82 27.67
N ILE B 235 -3.42 22.20 28.31
CA ILE B 235 -3.12 21.77 29.67
C ILE B 235 -2.73 23.01 30.47
N ARG B 236 -2.88 22.89 31.79
CA ARG B 236 -2.55 24.00 32.68
C ARG B 236 -2.43 23.50 34.11
N THR B 237 -1.86 24.34 34.96
CA THR B 237 -1.91 24.11 36.39
C THR B 237 -3.11 24.83 36.98
N VAL B 238 -3.81 24.14 37.90
CA VAL B 238 -5.07 24.66 38.40
C VAL B 238 -4.87 25.94 39.18
N GLY B 239 -3.85 26.00 40.04
CA GLY B 239 -3.67 27.16 40.89
C GLY B 239 -3.45 28.43 40.10
N THR B 240 -4.01 29.53 40.61
CA THR B 240 -3.87 30.83 39.98
C THR B 240 -2.47 31.42 40.16
N GLU B 241 -1.66 30.85 41.06
CA GLU B 241 -0.30 31.31 41.25
C GLU B 241 0.59 30.79 40.12
N LYS B 242 1.89 31.04 40.24
CA LYS B 242 2.87 30.55 39.28
C LYS B 242 3.45 29.25 39.79
N SER B 243 3.28 28.17 39.01
CA SER B 243 3.80 26.88 39.41
C SER B 243 5.32 26.92 39.46
N PRO B 244 5.94 26.31 40.48
CA PRO B 244 7.39 26.36 40.62
C PRO B 244 8.15 25.20 40.01
N HIS B 245 7.48 24.31 39.27
CA HIS B 245 8.13 23.14 38.69
C HIS B 245 7.77 23.04 37.22
N SER B 246 8.76 22.68 36.40
CA SER B 246 8.52 22.44 34.99
C SER B 246 7.72 21.15 34.81
N ILE B 247 6.91 21.11 33.75
CA ILE B 247 6.00 20.00 33.49
C ILE B 247 6.27 19.45 32.10
N THR B 248 6.44 18.14 32.01
CA THR B 248 6.57 17.43 30.74
C THR B 248 5.52 16.34 30.68
N LEU B 249 4.78 16.29 29.58
CA LEU B 249 3.71 15.33 29.39
C LEU B 249 3.98 14.49 28.16
N ARG B 250 3.72 13.18 28.27
CA ARG B 250 3.88 12.24 27.17
C ARG B 250 2.53 11.60 26.90
N VAL B 251 2.13 11.56 25.62
CA VAL B 251 0.82 11.08 25.22
C VAL B 251 1.00 9.84 24.37
N TYR B 252 0.35 8.75 24.76
CA TYR B 252 0.35 7.51 24.01
C TYR B 252 -1.06 7.21 23.54
N MET B 253 -1.19 6.79 22.29
CA MET B 253 -2.49 6.52 21.67
C MET B 253 -2.63 5.03 21.39
N ARG B 254 -3.71 4.44 21.89
CA ARG B 254 -4.05 3.05 21.60
C ARG B 254 -5.25 3.04 20.67
N ILE B 255 -5.37 1.97 19.89
CA ILE B 255 -6.38 1.86 18.84
C ILE B 255 -7.19 0.59 19.08
N LYS B 256 -8.43 0.59 18.60
CA LYS B 256 -9.32 -0.56 18.74
C LYS B 256 -10.43 -0.48 17.71
N HIS B 257 -11.02 -1.62 17.40
CA HIS B 257 -12.12 -1.72 16.43
C HIS B 257 -11.73 -1.09 15.10
N VAL B 258 -10.52 -1.36 14.65
CA VAL B 258 -9.98 -0.74 13.44
C VAL B 258 -10.56 -1.44 12.22
N ARG B 259 -10.68 -0.69 11.12
CA ARG B 259 -11.10 -1.21 9.83
C ARG B 259 -10.39 -0.43 8.74
N ALA B 260 -9.63 -1.12 7.90
CA ALA B 260 -8.77 -0.49 6.91
C ALA B 260 -9.38 -0.62 5.51
N TRP B 261 -8.77 0.07 4.56
CA TRP B 261 -9.26 0.07 3.18
C TRP B 261 -8.12 0.45 2.24
N ILE B 262 -8.07 -0.23 1.10
CA ILE B 262 -7.19 0.08 -0.03
C ILE B 262 -5.74 0.32 0.43
N PRO B 263 -5.02 -0.74 0.78
CA PRO B 263 -3.63 -0.56 1.23
C PRO B 263 -2.75 0.05 0.17
N ARG B 264 -1.75 0.81 0.61
CA ARG B 264 -0.84 1.55 -0.23
C ARG B 264 0.59 1.18 0.13
N PRO B 265 1.54 1.35 -0.81
CA PRO B 265 2.94 1.03 -0.50
C PRO B 265 3.48 1.87 0.64
N LEU B 266 4.41 1.29 1.39
CA LEU B 266 5.02 1.96 2.52
C LEU B 266 5.96 3.07 2.05
N ARG B 267 6.60 3.72 3.03
CA ARG B 267 7.51 4.83 2.76
C ARG B 267 8.94 4.42 3.11
N ASN B 268 9.87 4.71 2.21
CA ASN B 268 11.27 4.37 2.40
C ASN B 268 12.17 5.59 2.54
N GLN B 269 11.61 6.77 2.79
CA GLN B 269 12.39 7.98 2.91
C GLN B 269 12.08 8.68 4.22
N PRO B 270 13.07 9.30 4.87
CA PRO B 270 12.81 10.00 6.12
C PRO B 270 11.89 11.20 5.90
N TYR B 271 11.07 11.47 6.91
CA TYR B 271 10.15 12.59 6.82
C TYR B 271 10.88 13.92 6.98
N LEU B 272 10.28 14.97 6.44
CA LEU B 272 10.87 16.30 6.50
C LEU B 272 9.88 17.30 7.07
N PHE B 273 8.59 17.03 6.93
CA PHE B 273 7.55 17.90 7.46
C PHE B 273 6.44 17.05 8.06
N LYS B 274 5.58 17.69 8.84
CA LYS B 274 4.53 17.01 9.56
C LYS B 274 3.20 17.01 8.82
N THR B 275 3.15 17.56 7.61
CA THR B 275 1.91 17.67 6.86
C THR B 275 1.96 17.00 5.49
N ASN B 276 3.07 17.08 4.79
CA ASN B 276 3.21 16.58 3.43
C ASN B 276 4.37 15.62 3.35
N PRO B 277 4.36 14.71 2.37
CA PRO B 277 5.39 13.67 2.30
C PRO B 277 6.71 14.14 1.70
N ASN B 278 6.92 15.46 1.67
CA ASN B 278 8.13 16.03 1.09
C ASN B 278 9.38 15.34 1.65
N TYR B 279 10.40 15.25 0.81
CA TYR B 279 11.62 14.53 1.14
C TYR B 279 12.82 15.30 0.62
N LYS B 280 14.00 14.94 1.14
CA LYS B 280 15.24 15.51 0.65
C LYS B 280 15.49 15.03 -0.78
N GLY B 281 15.58 15.97 -1.72
CA GLY B 281 15.71 15.64 -3.12
C GLY B 281 17.09 15.28 -3.60
N ASN B 282 18.09 15.31 -2.73
CA ASN B 282 19.47 15.02 -3.12
C ASN B 282 19.89 13.61 -2.73
N ASP B 283 19.78 13.27 -1.45
CA ASP B 283 20.21 11.97 -0.95
C ASP B 283 19.03 11.01 -1.02
N ILE B 284 18.79 10.47 -2.22
CA ILE B 284 17.72 9.49 -2.42
C ILE B 284 18.22 8.16 -1.87
N LYS B 285 17.66 7.72 -0.74
CA LYS B 285 18.09 6.49 -0.10
C LYS B 285 17.55 5.29 -0.87
N CYS B 286 18.44 4.37 -1.23
CA CYS B 286 18.03 3.16 -1.93
C CYS B 286 17.22 2.26 -1.00
N THR B 287 16.23 1.58 -1.56
CA THR B 287 15.40 0.68 -0.75
C THR B 287 16.21 -0.49 -0.21
N SER B 288 17.12 -1.03 -1.02
CA SER B 288 17.92 -2.18 -0.65
C SER B 288 19.39 -1.81 -0.55
N THR B 289 20.07 -2.40 0.43
CA THR B 289 21.49 -2.17 0.59
C THR B 289 22.26 -2.79 -0.57
N SER B 290 23.21 -2.05 -1.11
CA SER B 290 23.95 -2.51 -2.27
C SER B 290 25.02 -3.54 -1.89
N ARG B 291 25.52 -4.24 -2.90
CA ARG B 291 26.60 -5.20 -2.70
C ARG B 291 27.71 -4.96 -3.73
N ASP B 292 28.68 -5.87 -3.80
CA ASP B 292 29.84 -5.66 -4.65
C ASP B 292 29.60 -6.14 -6.06
N LYS B 293 29.31 -7.42 -6.23
CA LYS B 293 29.14 -8.02 -7.55
C LYS B 293 27.84 -8.81 -7.58
N ILE B 294 27.18 -8.79 -8.74
CA ILE B 294 25.89 -9.48 -8.87
C ILE B 294 26.06 -10.99 -8.92
N THR B 295 27.24 -11.49 -9.30
CA THR B 295 27.43 -12.93 -9.40
C THR B 295 27.76 -13.57 -8.06
N THR B 296 28.12 -12.76 -7.06
CA THR B 296 28.47 -13.30 -5.76
C THR B 296 27.49 -12.85 -4.68
N ASP C 11 -8.87 -15.54 -25.85
CA ASP C 11 -8.68 -14.59 -24.77
C ASP C 11 -7.73 -13.47 -25.19
N ARG C 12 -7.05 -13.67 -26.33
CA ARG C 12 -6.12 -12.66 -26.82
C ARG C 12 -6.86 -11.47 -27.43
N VAL C 13 -8.09 -11.68 -27.89
CA VAL C 13 -8.87 -10.64 -28.54
C VAL C 13 -10.00 -10.21 -27.62
N ALA C 14 -10.38 -8.93 -27.71
CA ALA C 14 -11.45 -8.39 -26.89
C ALA C 14 -12.00 -7.15 -27.56
N GLN C 15 -13.21 -6.78 -27.17
CA GLN C 15 -13.88 -5.60 -27.69
C GLN C 15 -14.76 -4.99 -26.61
N LEU C 16 -14.68 -3.67 -26.47
CA LEU C 16 -15.52 -2.94 -25.52
C LEU C 16 -16.27 -1.87 -26.27
N THR C 17 -17.61 -1.90 -26.18
CA THR C 17 -18.47 -1.01 -26.96
C THR C 17 -19.34 -0.14 -26.06
N ILE C 18 -18.75 0.45 -25.02
CA ILE C 18 -19.52 1.31 -24.14
C ILE C 18 -19.89 2.60 -24.87
N GLY C 19 -21.17 2.94 -24.85
CA GLY C 19 -21.61 4.17 -25.47
C GLY C 19 -21.54 4.12 -26.99
N ASN C 20 -21.49 5.30 -27.59
CA ASN C 20 -21.45 5.45 -29.04
C ASN C 20 -20.06 5.19 -29.63
N SER C 21 -19.15 4.61 -28.85
CA SER C 21 -17.81 4.30 -29.32
C SER C 21 -17.54 2.81 -29.18
N THR C 22 -16.41 2.39 -29.72
CA THR C 22 -16.03 0.98 -29.71
C THR C 22 -14.52 0.87 -29.85
N ILE C 23 -13.93 -0.01 -29.04
CA ILE C 23 -12.49 -0.26 -29.06
C ILE C 23 -12.26 -1.75 -29.28
N THR C 24 -11.43 -2.08 -30.26
CA THR C 24 -11.12 -3.47 -30.59
C THR C 24 -9.61 -3.66 -30.59
N THR C 25 -9.18 -4.87 -30.26
CA THR C 25 -7.75 -5.20 -30.23
C THR C 25 -7.57 -6.66 -30.61
N GLN C 26 -6.70 -6.91 -31.59
CA GLN C 26 -6.44 -8.28 -32.03
C GLN C 26 -5.43 -9.00 -31.16
N GLU C 27 -4.80 -8.32 -30.20
CA GLU C 27 -3.83 -8.95 -29.32
C GLU C 27 -3.80 -8.17 -28.02
N ALA C 28 -4.47 -8.69 -27.00
CA ALA C 28 -4.56 -8.02 -25.71
C ALA C 28 -4.61 -9.05 -24.60
N ALA C 29 -4.23 -8.62 -23.39
CA ALA C 29 -4.28 -9.48 -22.22
C ALA C 29 -5.70 -9.46 -21.65
N ASN C 30 -5.86 -10.01 -20.45
CA ASN C 30 -7.18 -10.07 -19.84
C ASN C 30 -7.54 -8.73 -19.21
N ILE C 31 -8.78 -8.63 -18.73
CA ILE C 31 -9.32 -7.40 -18.16
C ILE C 31 -9.13 -7.46 -16.65
N VAL C 32 -8.59 -6.38 -16.09
CA VAL C 32 -8.29 -6.30 -14.66
C VAL C 32 -9.32 -5.38 -14.02
N ILE C 33 -10.12 -5.93 -13.10
CA ILE C 33 -11.09 -5.15 -12.35
C ILE C 33 -10.48 -4.79 -11.00
N ALA C 34 -10.48 -3.50 -10.67
CA ALA C 34 -9.85 -3.02 -9.45
C ALA C 34 -10.64 -3.48 -8.24
N TYR C 35 -10.01 -4.25 -7.36
CA TYR C 35 -10.55 -4.69 -6.08
C TYR C 35 -11.84 -5.51 -6.22
N GLY C 36 -12.15 -5.97 -7.43
CA GLY C 36 -13.30 -6.84 -7.63
C GLY C 36 -14.64 -6.23 -7.27
N GLU C 37 -14.87 -4.99 -7.70
CA GLU C 37 -16.13 -4.30 -7.43
C GLU C 37 -16.58 -3.61 -8.70
N TRP C 38 -17.62 -4.12 -9.34
CA TRP C 38 -18.15 -3.50 -10.54
C TRP C 38 -18.73 -2.13 -10.22
N PRO C 39 -18.50 -1.13 -11.07
CA PRO C 39 -19.10 0.18 -10.84
C PRO C 39 -20.62 0.10 -10.87
N GLU C 40 -21.27 0.87 -9.99
CA GLU C 40 -22.71 0.85 -9.86
C GLU C 40 -23.21 2.19 -9.35
N TYR C 41 -24.50 2.43 -9.53
CA TYR C 41 -25.12 3.66 -9.07
C TYR C 41 -25.19 3.68 -7.55
N CYS C 42 -25.34 4.88 -7.00
CA CYS C 42 -25.43 5.05 -5.56
C CYS C 42 -26.75 4.48 -5.03
N PRO C 43 -26.70 3.67 -3.98
CA PRO C 43 -27.93 3.13 -3.40
C PRO C 43 -28.60 4.13 -2.46
N ASP C 44 -29.91 3.92 -2.26
CA ASP C 44 -30.68 4.81 -1.40
C ASP C 44 -30.19 4.76 0.05
N THR C 45 -29.78 3.58 0.50
CA THR C 45 -29.34 3.43 1.89
C THR C 45 -28.06 4.19 2.17
N ASP C 46 -27.30 4.52 1.12
CA ASP C 46 -26.03 5.22 1.29
C ASP C 46 -26.08 6.67 0.85
N ALA C 47 -27.08 7.06 0.05
CA ALA C 47 -27.16 8.42 -0.43
C ALA C 47 -27.47 9.37 0.73
N THR C 48 -26.89 10.57 0.65
CA THR C 48 -27.13 11.59 1.67
C THR C 48 -27.70 12.85 1.03
N ALA C 49 -27.53 13.00 -0.28
CA ALA C 49 -28.11 14.13 -0.98
C ALA C 49 -29.62 14.02 -1.00
N VAL C 50 -30.29 15.16 -0.89
CA VAL C 50 -31.75 15.20 -0.86
C VAL C 50 -32.35 15.66 -2.17
N ASP C 51 -31.51 16.07 -3.13
CA ASP C 51 -31.96 16.52 -4.44
C ASP C 51 -31.86 15.37 -5.43
N LYS C 52 -32.80 15.32 -6.36
CA LYS C 52 -32.82 14.26 -7.36
C LYS C 52 -31.62 14.38 -8.28
N PRO C 53 -30.78 13.35 -8.41
CA PRO C 53 -29.60 13.45 -9.26
C PRO C 53 -29.96 13.28 -10.73
N THR C 54 -28.99 13.54 -11.59
CA THR C 54 -29.13 13.42 -13.03
C THR C 54 -28.20 12.33 -13.55
N ARG C 55 -28.70 11.54 -14.49
CA ARG C 55 -27.95 10.45 -15.11
C ARG C 55 -27.98 10.62 -16.63
N PRO C 56 -27.01 11.36 -17.18
CA PRO C 56 -26.99 11.58 -18.63
C PRO C 56 -26.90 10.30 -19.44
N ASP C 57 -26.32 9.25 -18.83
CA ASP C 57 -26.25 7.93 -19.42
C ASP C 57 -25.37 7.92 -20.67
N VAL C 58 -25.98 7.71 -21.84
CA VAL C 58 -25.25 7.48 -23.07
C VAL C 58 -24.33 8.63 -23.42
N SER C 59 -24.74 9.87 -23.15
CA SER C 59 -23.96 11.03 -23.59
C SER C 59 -22.58 11.05 -22.93
N VAL C 60 -22.50 10.72 -21.65
CA VAL C 60 -21.24 10.88 -20.92
C VAL C 60 -20.37 9.63 -20.94
N ASN C 61 -20.85 8.53 -21.52
CA ASN C 61 -20.08 7.29 -21.55
C ASN C 61 -19.35 7.06 -22.87
N ARG C 62 -19.30 8.07 -23.73
CA ARG C 62 -18.53 7.96 -24.96
C ARG C 62 -17.04 7.95 -24.63
N PHE C 63 -16.32 6.99 -25.18
CA PHE C 63 -14.88 6.90 -24.95
C PHE C 63 -14.19 8.18 -25.42
N PHE C 64 -13.32 8.72 -24.57
CA PHE C 64 -12.58 9.94 -24.87
C PHE C 64 -11.10 9.61 -24.97
N THR C 65 -10.48 10.04 -26.07
CA THR C 65 -9.07 9.79 -26.31
C THR C 65 -8.28 11.07 -26.03
N LEU C 66 -7.30 10.98 -25.16
CA LEU C 66 -6.49 12.13 -24.77
C LEU C 66 -5.35 12.32 -25.79
N ASP C 67 -4.39 13.17 -25.44
CA ASP C 67 -3.27 13.43 -26.33
C ASP C 67 -2.36 12.21 -26.42
N THR C 68 -1.35 12.31 -27.27
CA THR C 68 -0.41 11.21 -27.52
C THR C 68 0.97 11.62 -27.01
N LYS C 69 1.55 10.78 -26.14
CA LYS C 69 2.88 11.00 -25.62
C LYS C 69 3.89 10.18 -26.42
N SER C 70 5.03 10.80 -26.72
CA SER C 70 6.06 10.19 -27.54
C SER C 70 7.08 9.49 -26.64
N TRP C 71 7.14 8.17 -26.72
CA TRP C 71 8.11 7.41 -25.94
C TRP C 71 9.50 7.56 -26.53
N ALA C 72 10.47 7.87 -25.69
CA ALA C 72 11.86 8.04 -26.10
C ALA C 72 12.73 6.98 -25.43
N LYS C 73 13.98 6.89 -25.90
CA LYS C 73 14.91 5.90 -25.36
C LYS C 73 15.38 6.23 -23.96
N ASP C 74 15.11 7.44 -23.47
CA ASP C 74 15.55 7.83 -22.13
C ASP C 74 14.45 8.55 -21.36
N SER C 75 13.20 8.22 -21.64
CA SER C 75 12.09 8.85 -20.93
C SER C 75 12.03 8.39 -19.48
N LYS C 76 11.50 9.24 -18.63
CA LYS C 76 11.35 8.94 -17.21
C LYS C 76 9.98 8.36 -16.86
N GLY C 77 8.92 9.01 -17.29
CA GLY C 77 7.57 8.54 -17.04
C GLY C 77 6.58 9.67 -17.12
N TRP C 78 5.31 9.29 -17.17
CA TRP C 78 4.21 10.25 -17.26
C TRP C 78 3.08 9.82 -16.34
N TYR C 79 2.30 10.80 -15.88
CA TYR C 79 1.19 10.54 -14.98
C TYR C 79 0.05 11.51 -15.29
N TRP C 80 -1.15 11.10 -14.90
CA TRP C 80 -2.34 11.91 -15.10
C TRP C 80 -3.15 11.94 -13.81
N LYS C 81 -3.90 13.02 -13.64
CA LYS C 81 -4.76 13.20 -12.47
C LYS C 81 -6.22 13.17 -12.91
N PHE C 82 -7.02 12.38 -12.20
CA PHE C 82 -8.42 12.19 -12.54
C PHE C 82 -9.31 12.87 -11.52
N PRO C 83 -10.44 13.46 -11.94
CA PRO C 83 -10.96 13.59 -13.30
C PRO C 83 -10.57 14.90 -13.95
N ASP C 84 -9.47 15.50 -13.50
CA ASP C 84 -9.03 16.78 -14.05
C ASP C 84 -8.75 16.67 -15.54
N VAL C 85 -8.40 15.48 -16.02
CA VAL C 85 -8.18 15.28 -17.45
C VAL C 85 -9.47 15.52 -18.22
N LEU C 86 -10.59 14.99 -17.73
CA LEU C 86 -11.88 15.12 -18.39
C LEU C 86 -12.63 16.37 -17.99
N THR C 87 -12.10 17.15 -17.05
CA THR C 87 -12.80 18.35 -16.58
C THR C 87 -13.03 19.35 -17.71
N GLU C 88 -12.14 19.41 -18.69
CA GLU C 88 -12.19 20.45 -19.71
C GLU C 88 -12.60 19.96 -21.09
N VAL C 89 -13.12 18.73 -21.21
CA VAL C 89 -13.42 18.18 -22.53
C VAL C 89 -14.81 17.57 -22.52
N GLY C 90 -15.51 17.73 -23.65
CA GLY C 90 -16.78 17.08 -23.93
C GLY C 90 -17.94 17.51 -23.04
N VAL C 91 -19.03 16.75 -23.19
CA VAL C 91 -20.24 17.01 -22.40
C VAL C 91 -19.96 16.81 -20.92
N PHE C 92 -19.01 15.94 -20.58
CA PHE C 92 -18.61 15.78 -19.19
C PHE C 92 -18.04 17.09 -18.65
N GLY C 93 -17.21 17.77 -19.44
CA GLY C 93 -16.68 19.05 -19.00
C GLY C 93 -17.75 20.10 -18.83
N GLN C 94 -18.64 20.22 -19.81
CA GLN C 94 -19.71 21.21 -19.74
C GLN C 94 -20.74 20.88 -18.67
N ASN C 95 -20.75 19.64 -18.17
CA ASN C 95 -21.71 19.27 -17.14
C ASN C 95 -21.11 19.43 -15.74
N ALA C 96 -19.89 18.92 -15.53
CA ALA C 96 -19.27 19.03 -14.22
C ALA C 96 -19.03 20.48 -13.82
N GLN C 97 -18.82 21.37 -14.80
CA GLN C 97 -18.68 22.79 -14.52
C GLN C 97 -19.99 23.44 -14.10
N PHE C 98 -21.11 22.74 -14.22
CA PHE C 98 -22.42 23.28 -13.87
C PHE C 98 -23.01 22.66 -12.62
N HIS C 99 -22.30 21.76 -11.95
CA HIS C 99 -22.83 21.03 -10.81
C HIS C 99 -21.88 21.17 -9.63
N TYR C 100 -22.21 20.47 -8.54
CA TYR C 100 -21.42 20.49 -7.33
C TYR C 100 -21.12 19.11 -6.76
N LEU C 101 -21.95 18.10 -7.05
CA LEU C 101 -21.76 16.75 -6.56
C LEU C 101 -21.47 15.83 -7.74
N TYR C 102 -20.57 14.87 -7.54
CA TYR C 102 -20.09 14.03 -8.63
C TYR C 102 -19.81 12.64 -8.07
N ARG C 103 -20.24 11.62 -8.79
CA ARG C 103 -19.87 10.24 -8.49
C ARG C 103 -19.91 9.37 -9.74
N SER C 104 -18.78 8.77 -10.10
CA SER C 104 -18.75 7.85 -11.23
C SER C 104 -17.52 6.95 -11.11
N GLY C 105 -17.58 5.82 -11.81
CA GLY C 105 -16.42 4.97 -11.99
C GLY C 105 -15.64 5.35 -13.22
N PHE C 106 -14.65 4.51 -13.55
CA PHE C 106 -13.82 4.77 -14.71
C PHE C 106 -13.30 3.46 -15.29
N CYS C 107 -13.17 3.43 -16.61
CA CYS C 107 -12.56 2.31 -17.33
C CYS C 107 -11.41 2.90 -18.15
N VAL C 108 -10.18 2.53 -17.78
CA VAL C 108 -8.98 3.12 -18.37
C VAL C 108 -8.40 2.14 -19.38
N HIS C 109 -8.08 2.65 -20.57
CA HIS C 109 -7.47 1.86 -21.64
C HIS C 109 -6.23 2.58 -22.13
N VAL C 110 -5.11 1.87 -22.18
CA VAL C 110 -3.84 2.39 -22.65
C VAL C 110 -3.36 1.52 -23.80
N GLN C 111 -3.03 2.14 -24.92
CA GLN C 111 -2.61 1.42 -26.12
C GLN C 111 -1.24 1.92 -26.57
N CYS C 112 -0.33 0.98 -26.83
CA CYS C 112 0.99 1.30 -27.35
C CYS C 112 1.53 0.06 -28.05
N ASN C 113 1.57 0.09 -29.38
CA ASN C 113 1.97 -1.06 -30.18
C ASN C 113 3.30 -0.78 -30.88
N ALA C 114 4.15 -1.81 -30.92
CA ALA C 114 5.44 -1.72 -31.57
C ALA C 114 5.62 -2.95 -32.47
N SER C 115 6.68 -2.91 -33.28
CA SER C 115 6.96 -4.02 -34.18
C SER C 115 7.41 -5.24 -33.39
N LYS C 116 7.63 -6.35 -34.11
CA LYS C 116 8.04 -7.59 -33.49
C LYS C 116 9.52 -7.60 -33.12
N PHE C 117 10.27 -6.57 -33.50
CA PHE C 117 11.70 -6.53 -33.22
C PHE C 117 12.08 -5.57 -32.10
N HIS C 118 11.17 -4.69 -31.68
CA HIS C 118 11.45 -3.80 -30.57
C HIS C 118 11.35 -4.56 -29.25
N GLN C 119 11.87 -3.93 -28.19
CA GLN C 119 11.80 -4.52 -26.86
C GLN C 119 11.64 -3.41 -25.84
N GLY C 120 10.99 -3.74 -24.73
CA GLY C 120 10.73 -2.78 -23.67
C GLY C 120 9.47 -3.16 -22.92
N ALA C 121 9.37 -2.65 -21.69
CA ALA C 121 8.26 -2.97 -20.81
C ALA C 121 7.71 -1.71 -20.19
N LEU C 122 6.42 -1.74 -19.87
CA LEU C 122 5.74 -0.64 -19.22
C LEU C 122 4.91 -1.17 -18.06
N LEU C 123 4.76 -0.34 -17.03
CA LEU C 123 3.98 -0.69 -15.85
C LEU C 123 2.81 0.28 -15.75
N VAL C 124 1.65 -0.14 -16.25
CA VAL C 124 0.44 0.66 -16.16
C VAL C 124 -0.24 0.31 -14.84
N ALA C 125 -0.20 1.25 -13.89
CA ALA C 125 -0.76 1.03 -12.57
C ALA C 125 -1.53 2.27 -12.14
N VAL C 126 -2.71 2.07 -11.59
CA VAL C 126 -3.52 3.17 -11.07
C VAL C 126 -3.36 3.22 -9.56
N LEU C 127 -2.80 4.34 -9.07
CA LEU C 127 -2.60 4.52 -7.65
C LEU C 127 -3.73 5.38 -7.11
N PRO C 128 -4.62 4.85 -6.27
CA PRO C 128 -5.73 5.66 -5.77
C PRO C 128 -5.24 6.75 -4.83
N GLU C 129 -5.72 7.97 -5.08
CA GLU C 129 -5.45 9.14 -4.23
C GLU C 129 -3.94 9.40 -4.17
N TYR C 130 -3.42 9.81 -5.32
CA TYR C 130 -2.01 10.14 -5.46
C TYR C 130 -1.75 11.54 -4.91
N VAL C 131 -0.77 11.67 -4.03
CA VAL C 131 -0.36 12.95 -3.48
C VAL C 131 1.11 13.17 -3.80
N LEU C 132 1.42 14.34 -4.38
CA LEU C 132 2.78 14.66 -4.77
C LEU C 132 3.51 15.36 -3.62
N GLY C 133 4.78 15.67 -3.87
CA GLY C 133 5.62 16.35 -2.90
C GLY C 133 6.79 17.01 -3.57
N THR C 134 7.61 17.69 -2.77
CA THR C 134 8.78 18.38 -3.29
C THR C 134 9.99 17.45 -3.30
N ALA C 149 -1.30 24.45 -9.83
CA ALA C 149 -0.06 24.39 -10.59
C ALA C 149 0.10 23.02 -11.24
N THR C 150 1.21 22.34 -10.90
CA THR C 150 1.48 21.00 -11.43
C THR C 150 0.61 19.93 -10.79
N THR C 151 -0.12 20.26 -9.72
CA THR C 151 -0.98 19.28 -9.08
C THR C 151 -2.07 18.79 -10.03
N GLN C 152 -2.66 19.71 -10.79
CA GLN C 152 -3.70 19.36 -11.75
C GLN C 152 -3.20 19.65 -13.16
N PRO C 153 -2.48 18.71 -13.78
CA PRO C 153 -1.91 18.99 -15.12
C PRO C 153 -2.95 19.25 -16.19
N GLY C 154 -4.12 18.60 -16.11
CA GLY C 154 -5.12 18.75 -17.14
C GLY C 154 -5.08 17.64 -18.16
N GLN C 155 -5.65 17.87 -19.34
CA GLN C 155 -5.70 16.85 -20.36
C GLN C 155 -4.30 16.51 -20.87
N VAL C 156 -3.39 17.48 -20.84
CA VAL C 156 -2.05 17.27 -21.37
C VAL C 156 -1.31 16.22 -20.54
N GLY C 157 -1.38 16.35 -19.22
CA GLY C 157 -0.66 15.44 -18.35
C GLY C 157 0.80 15.81 -18.21
N ALA C 158 1.34 15.71 -17.00
CA ALA C 158 2.72 16.09 -16.71
C ALA C 158 3.63 14.87 -16.71
N VAL C 159 4.92 15.14 -16.66
CA VAL C 159 5.93 14.09 -16.62
C VAL C 159 6.51 14.01 -15.22
N LEU C 160 7.18 12.90 -14.94
CA LEU C 160 7.79 12.69 -13.64
C LEU C 160 9.23 13.22 -13.64
N THR C 161 9.77 13.38 -12.44
CA THR C 161 11.15 13.83 -12.26
C THR C 161 12.02 12.83 -11.54
N HIS C 162 11.50 12.15 -10.51
CA HIS C 162 12.23 11.14 -9.77
C HIS C 162 11.35 9.89 -9.72
N PRO C 163 11.33 9.11 -10.81
CA PRO C 163 10.40 7.97 -10.88
C PRO C 163 10.66 6.90 -9.84
N TYR C 164 11.88 6.80 -9.30
CA TYR C 164 12.17 5.76 -8.33
C TYR C 164 11.33 5.93 -7.06
N VAL C 165 11.12 7.17 -6.62
CA VAL C 165 10.32 7.46 -5.45
C VAL C 165 8.96 8.05 -5.79
N LEU C 166 8.64 8.17 -7.07
CA LEU C 166 7.35 8.70 -7.54
C LEU C 166 7.08 10.11 -7.04
N ASP C 167 8.13 10.85 -6.66
CA ASP C 167 7.99 12.20 -6.11
C ASP C 167 7.11 12.22 -4.88
N ALA C 168 7.02 11.08 -4.18
CA ALA C 168 6.20 11.00 -2.97
C ALA C 168 6.89 10.22 -1.86
N GLY C 169 8.14 9.81 -2.04
CA GLY C 169 8.87 9.11 -1.01
C GLY C 169 8.51 7.66 -0.82
N ILE C 170 7.80 7.05 -1.76
CA ILE C 170 7.46 5.63 -1.66
C ILE C 170 8.24 4.89 -2.74
N PRO C 171 8.65 3.64 -2.50
CA PRO C 171 9.42 2.91 -3.51
C PRO C 171 8.55 2.36 -4.62
N LEU C 172 9.02 2.53 -5.85
CA LEU C 172 8.29 2.00 -7.01
C LEU C 172 8.26 0.48 -7.00
N SER C 173 9.21 -0.17 -6.32
CA SER C 173 9.26 -1.62 -6.31
C SER C 173 8.03 -2.24 -5.65
N GLN C 174 7.31 -1.48 -4.83
CA GLN C 174 6.12 -1.97 -4.14
C GLN C 174 4.85 -1.41 -4.79
N LEU C 175 4.97 -0.80 -5.97
CA LEU C 175 3.81 -0.21 -6.63
C LEU C 175 2.85 -1.26 -7.16
N THR C 176 3.28 -2.53 -7.26
CA THR C 176 2.42 -3.58 -7.78
C THR C 176 1.30 -3.96 -6.83
N VAL C 177 1.35 -3.50 -5.56
CA VAL C 177 0.27 -3.79 -4.63
C VAL C 177 -1.03 -3.13 -5.07
N CYS C 178 -0.94 -2.07 -5.86
CA CYS C 178 -2.11 -1.43 -6.43
C CYS C 178 -2.54 -2.17 -7.69
N PRO C 179 -3.81 -2.05 -8.08
CA PRO C 179 -4.25 -2.70 -9.33
C PRO C 179 -3.43 -2.21 -10.51
N HIS C 180 -2.95 -3.15 -11.32
CA HIS C 180 -2.04 -2.85 -12.40
C HIS C 180 -2.13 -3.91 -13.48
N GLN C 181 -1.65 -3.56 -14.67
CA GLN C 181 -1.52 -4.50 -15.78
C GLN C 181 -0.24 -4.17 -16.52
N TRP C 182 0.52 -5.20 -16.88
CA TRP C 182 1.78 -5.03 -17.55
C TRP C 182 1.61 -4.98 -19.06
N ILE C 183 2.33 -4.05 -19.69
CA ILE C 183 2.34 -3.92 -21.14
C ILE C 183 3.75 -4.27 -21.60
N ASN C 184 3.92 -5.50 -22.09
CA ASN C 184 5.21 -5.98 -22.58
C ASN C 184 5.12 -6.13 -24.09
N LEU C 185 6.02 -5.44 -24.79
CA LEU C 185 5.99 -5.44 -26.26
C LEU C 185 6.15 -6.85 -26.83
N ARG C 186 6.71 -7.78 -26.07
CA ARG C 186 6.88 -9.14 -26.56
C ARG C 186 5.53 -9.82 -26.78
N THR C 187 4.56 -9.59 -25.90
CA THR C 187 3.30 -10.31 -25.93
C THR C 187 2.12 -9.41 -26.29
N ASN C 188 1.86 -8.36 -25.53
CA ASN C 188 0.67 -7.55 -25.69
C ASN C 188 1.04 -6.12 -26.07
N ASN C 189 0.03 -5.36 -26.48
CA ASN C 189 0.20 -3.96 -26.84
C ASN C 189 -0.71 -3.00 -26.09
N CYS C 190 -1.73 -3.51 -25.40
CA CYS C 190 -2.67 -2.65 -24.70
C CYS C 190 -3.08 -3.32 -23.39
N ALA C 191 -3.60 -2.52 -22.47
CA ALA C 191 -4.07 -3.01 -21.19
C ALA C 191 -5.27 -2.19 -20.75
N THR C 192 -6.14 -2.80 -19.95
CA THR C 192 -7.36 -2.16 -19.48
C THR C 192 -7.47 -2.29 -17.97
N ILE C 193 -8.06 -1.28 -17.35
CA ILE C 193 -8.34 -1.28 -15.92
C ILE C 193 -9.74 -0.72 -15.70
N ILE C 194 -10.53 -1.39 -14.89
CA ILE C 194 -11.88 -0.96 -14.54
C ILE C 194 -11.88 -0.70 -13.05
N VAL C 195 -11.83 0.57 -12.67
CA VAL C 195 -11.75 0.97 -11.26
C VAL C 195 -13.07 1.62 -10.87
N PRO C 196 -13.70 1.19 -9.78
CA PRO C 196 -14.93 1.84 -9.33
C PRO C 196 -14.63 3.11 -8.54
N TYR C 197 -15.69 3.83 -8.20
CA TYR C 197 -15.58 5.08 -7.46
C TYR C 197 -15.20 4.78 -6.02
N MET C 198 -14.01 5.21 -5.61
CA MET C 198 -13.51 4.98 -4.27
C MET C 198 -13.26 6.32 -3.59
N ASN C 199 -14.04 6.61 -2.54
CA ASN C 199 -13.91 7.85 -1.79
C ASN C 199 -14.67 7.67 -0.49
N THR C 200 -14.22 8.36 0.55
CA THR C 200 -14.82 8.22 1.87
C THR C 200 -16.20 8.85 1.96
N VAL C 201 -16.61 9.62 0.95
CA VAL C 201 -17.93 10.26 0.95
C VAL C 201 -18.67 9.79 -0.29
N PRO C 202 -19.97 9.50 -0.20
CA PRO C 202 -20.71 9.03 -1.39
C PRO C 202 -20.63 9.98 -2.57
N PHE C 203 -20.62 11.29 -2.34
CA PHE C 203 -20.46 12.28 -3.40
C PHE C 203 -19.30 13.20 -3.07
N ASP C 204 -18.76 13.82 -4.11
CA ASP C 204 -17.58 14.68 -3.93
C ASP C 204 -17.52 15.57 -5.16
N SER C 205 -16.87 16.72 -5.00
CA SER C 205 -16.79 17.72 -6.07
C SER C 205 -15.91 17.21 -7.21
N ALA C 206 -15.74 18.04 -8.22
CA ALA C 206 -14.92 17.71 -9.37
C ALA C 206 -13.84 18.73 -9.65
N LEU C 207 -13.80 19.85 -8.92
CA LEU C 207 -12.80 20.87 -9.14
C LEU C 207 -11.88 21.08 -7.94
N ASN C 208 -12.13 20.41 -6.83
CA ASN C 208 -11.33 20.58 -5.62
C ASN C 208 -10.74 19.28 -5.09
N HIS C 209 -11.02 18.15 -5.73
CA HIS C 209 -10.51 16.87 -5.28
C HIS C 209 -10.23 15.98 -6.49
N CYS C 210 -9.29 15.05 -6.31
CA CYS C 210 -8.95 14.08 -7.33
C CYS C 210 -9.10 12.69 -6.74
N ASN C 211 -9.94 11.86 -7.37
CA ASN C 211 -10.20 10.52 -6.85
C ASN C 211 -8.95 9.65 -6.88
N PHE C 212 -8.23 9.67 -8.00
CA PHE C 212 -7.05 8.82 -8.15
C PHE C 212 -6.19 9.34 -9.29
N GLY C 213 -5.00 8.77 -9.42
CA GLY C 213 -4.12 9.08 -10.51
C GLY C 213 -3.64 7.81 -11.17
N LEU C 214 -3.07 7.97 -12.37
CA LEU C 214 -2.54 6.87 -13.16
C LEU C 214 -1.04 7.03 -13.33
N LEU C 215 -0.32 5.92 -13.27
CA LEU C 215 1.14 5.92 -13.38
C LEU C 215 1.55 5.06 -14.57
N VAL C 216 2.45 5.58 -15.38
CA VAL C 216 3.06 4.84 -16.48
C VAL C 216 4.57 5.08 -16.39
N ILE C 217 5.31 4.05 -16.00
CA ILE C 217 6.75 4.17 -15.82
C ILE C 217 7.45 3.04 -16.58
N PRO C 218 8.38 3.34 -17.48
CA PRO C 218 9.11 2.26 -18.17
C PRO C 218 10.15 1.63 -17.27
N VAL C 219 9.86 0.42 -16.77
CA VAL C 219 10.82 -0.30 -15.95
C VAL C 219 11.99 -0.79 -16.81
N VAL C 220 11.69 -1.30 -17.99
CA VAL C 220 12.69 -1.77 -18.95
C VAL C 220 12.76 -0.76 -20.08
N PRO C 221 13.88 -0.07 -20.26
CA PRO C 221 13.96 0.96 -21.30
C PRO C 221 13.83 0.35 -22.70
N LEU C 222 13.25 1.13 -23.60
CA LEU C 222 13.08 0.68 -24.97
C LEU C 222 14.42 0.65 -25.68
N ASP C 223 14.71 -0.46 -26.36
CA ASP C 223 15.96 -0.63 -27.10
C ASP C 223 15.66 -1.27 -28.44
N PHE C 224 16.38 -0.82 -29.47
CA PHE C 224 16.20 -1.36 -30.81
C PHE C 224 17.42 -1.01 -31.66
N ASN C 225 17.69 -1.83 -32.65
CA ASN C 225 18.76 -1.55 -33.59
C ASN C 225 18.40 -0.37 -34.48
N ALA C 226 19.42 0.34 -34.96
CA ALA C 226 19.20 1.48 -35.82
C ALA C 226 18.56 1.04 -37.13
N GLY C 227 17.55 1.78 -37.58
CA GLY C 227 16.85 1.45 -38.80
C GLY C 227 15.47 0.86 -38.56
N ALA C 228 14.78 1.39 -37.55
CA ALA C 228 13.43 0.94 -37.21
C ALA C 228 12.52 2.16 -37.10
N THR C 229 11.26 1.90 -36.76
CA THR C 229 10.30 2.98 -36.58
C THR C 229 10.58 3.73 -35.29
N SER C 230 11.39 4.77 -35.37
CA SER C 230 11.82 5.49 -34.16
C SER C 230 10.64 6.12 -33.44
N GLU C 231 9.71 6.72 -34.18
CA GLU C 231 8.54 7.31 -33.56
C GLU C 231 7.63 6.22 -33.03
N ILE C 232 7.40 6.20 -31.73
CA ILE C 232 6.57 5.20 -31.08
C ILE C 232 5.56 5.93 -30.19
N PRO C 233 4.27 5.90 -30.52
CA PRO C 233 3.29 6.69 -29.77
C PRO C 233 2.75 5.94 -28.55
N ILE C 234 2.24 6.73 -27.62
CA ILE C 234 1.55 6.22 -26.44
C ILE C 234 0.24 6.97 -26.31
N THR C 235 -0.86 6.23 -26.21
CA THR C 235 -2.20 6.82 -26.19
C THR C 235 -2.98 6.26 -25.01
N VAL C 236 -3.73 7.14 -24.34
CA VAL C 236 -4.57 6.77 -23.21
C VAL C 236 -6.01 7.11 -23.54
N THR C 237 -6.90 6.14 -23.37
CA THR C 237 -8.32 6.31 -23.64
C THR C 237 -9.11 5.95 -22.39
N ILE C 238 -10.03 6.84 -22.00
CA ILE C 238 -10.80 6.67 -20.78
C ILE C 238 -12.27 6.95 -21.08
N ALA C 239 -13.14 6.45 -20.19
CA ALA C 239 -14.57 6.65 -20.34
C ALA C 239 -15.29 6.44 -19.02
N PRO C 240 -16.09 7.40 -18.57
CA PRO C 240 -16.88 7.19 -17.35
C PRO C 240 -17.91 6.08 -17.54
N MET C 241 -18.25 5.42 -16.44
CA MET C 241 -19.11 4.25 -16.47
C MET C 241 -20.52 4.51 -15.97
N CYS C 242 -20.65 5.07 -14.77
CA CYS C 242 -21.95 5.19 -14.09
C CYS C 242 -22.14 6.62 -13.57
N ALA C 243 -21.89 7.59 -14.44
CA ALA C 243 -21.86 8.98 -14.03
C ALA C 243 -23.20 9.45 -13.46
N GLU C 244 -23.12 10.24 -12.41
CA GLU C 244 -24.27 10.89 -11.78
C GLU C 244 -23.83 12.24 -11.22
N PHE C 245 -24.77 13.17 -11.10
CA PHE C 245 -24.43 14.51 -10.66
C PHE C 245 -25.59 15.08 -9.85
N ALA C 246 -25.28 16.11 -9.05
CA ALA C 246 -26.29 16.76 -8.23
C ALA C 246 -25.88 18.21 -8.00
N GLY C 247 -26.85 19.04 -7.67
CA GLY C 247 -26.62 20.45 -7.46
C GLY C 247 -26.47 21.21 -8.75
N LEU C 248 -26.96 22.44 -8.79
CA LEU C 248 -26.92 23.27 -10.01
C LEU C 248 -26.32 24.62 -9.67
N ARG C 249 -25.01 24.75 -9.85
CA ARG C 249 -24.32 26.01 -9.65
C ARG C 249 -24.50 26.86 -10.92
N GLN C 250 -23.80 28.00 -10.99
CA GLN C 250 -23.92 28.87 -12.14
C GLN C 250 -22.83 28.59 -13.18
N ALA C 251 -21.57 28.80 -12.81
CA ALA C 251 -20.45 28.54 -13.71
C ALA C 251 -19.18 28.50 -12.88
N VAL C 252 -18.52 27.34 -12.84
CA VAL C 252 -17.28 27.20 -12.08
C VAL C 252 -16.24 26.43 -12.89
N ILE D 2 -17.11 -4.14 51.29
CA ILE D 2 -16.73 -5.42 50.70
C ILE D 2 -15.23 -5.60 50.78
N PRO D 3 -14.79 -6.71 51.37
CA PRO D 3 -13.35 -6.94 51.52
C PRO D 3 -12.66 -7.09 50.17
N THR D 4 -11.42 -6.64 50.11
CA THR D 4 -10.59 -6.78 48.93
C THR D 4 -9.12 -6.79 49.33
N GLU D 5 -8.29 -7.37 48.48
CA GLU D 5 -6.86 -7.45 48.73
C GLU D 5 -6.11 -6.98 47.49
N LEU D 6 -5.14 -6.09 47.69
CA LEU D 6 -4.33 -5.61 46.57
C LEU D 6 -3.39 -6.73 46.12
N LYS D 7 -3.02 -6.69 44.83
CA LYS D 7 -2.15 -7.70 44.26
C LYS D 7 -0.97 -7.04 43.56
N PRO D 8 0.16 -7.73 43.45
CA PRO D 8 1.31 -7.16 42.76
C PRO D 8 0.99 -6.84 41.31
N GLY D 9 1.57 -5.75 40.82
CA GLY D 9 1.34 -5.32 39.45
C GLY D 9 0.31 -4.25 39.27
N THR D 10 -0.22 -3.69 40.36
CA THR D 10 -1.18 -2.61 40.25
C THR D 10 -0.48 -1.31 39.85
N ASN D 11 -1.26 -0.39 39.28
CA ASN D 11 -0.76 0.90 38.81
C ASN D 11 0.38 0.73 37.80
N GLN D 12 0.42 -0.40 37.12
CA GLN D 12 1.47 -0.69 36.13
C GLN D 12 0.88 -0.47 34.75
N PHE D 13 1.30 0.60 34.10
CA PHE D 13 0.82 0.92 32.75
C PHE D 13 1.52 0.04 31.74
N LEU D 14 0.74 -0.68 30.94
CA LEU D 14 1.26 -1.56 29.90
C LEU D 14 0.74 -1.11 28.55
N THR D 15 1.62 -1.05 27.55
CA THR D 15 1.24 -0.56 26.24
C THR D 15 0.28 -1.49 25.49
N THR D 16 0.11 -2.73 25.97
CA THR D 16 -0.81 -3.65 25.32
C THR D 16 -1.95 -4.03 26.28
N SER D 21 -11.38 1.48 29.91
CA SER D 21 -11.14 2.90 29.69
C SER D 21 -12.45 3.69 29.71
N ALA D 22 -12.47 4.75 30.51
CA ALA D 22 -13.68 5.54 30.66
C ALA D 22 -13.92 6.37 29.40
N PRO D 23 -15.15 6.43 28.90
CA PRO D 23 -15.45 7.28 27.75
C PRO D 23 -15.62 8.73 28.19
N ILE D 24 -15.47 9.63 27.21
CA ILE D 24 -15.57 11.06 27.46
C ILE D 24 -16.85 11.66 26.88
N LEU D 25 -17.43 11.06 25.84
CA LEU D 25 -18.66 11.57 25.25
C LEU D 25 -19.77 10.56 25.49
N PRO D 26 -20.82 10.92 26.24
CA PRO D 26 -21.82 9.93 26.65
C PRO D 26 -22.98 9.73 25.68
N GLY D 27 -23.02 10.45 24.56
CA GLY D 27 -24.13 10.30 23.63
C GLY D 27 -23.75 10.38 22.17
N PHE D 28 -22.48 10.17 21.87
CA PHE D 28 -22.01 10.28 20.50
C PHE D 28 -22.45 9.08 19.68
N HIS D 29 -23.06 9.34 18.54
CA HIS D 29 -23.37 8.30 17.55
C HIS D 29 -22.48 8.51 16.33
N PRO D 30 -21.58 7.58 16.02
CA PRO D 30 -20.65 7.80 14.91
C PRO D 30 -21.37 7.90 13.56
N THR D 31 -20.69 8.54 12.62
CA THR D 31 -21.22 8.68 11.27
C THR D 31 -21.41 7.29 10.67
N PRO D 32 -22.54 7.02 10.04
CA PRO D 32 -22.81 5.67 9.51
C PRO D 32 -21.76 5.26 8.48
N PRO D 33 -21.34 4.00 8.50
CA PRO D 33 -20.37 3.53 7.51
C PRO D 33 -21.00 3.39 6.14
N ILE D 34 -20.15 3.46 5.11
CA ILE D 34 -20.57 3.30 3.73
C ILE D 34 -19.69 2.23 3.09
N HIS D 35 -20.21 1.63 2.02
CA HIS D 35 -19.50 0.55 1.33
C HIS D 35 -18.32 1.13 0.56
N ILE D 36 -17.11 0.72 0.95
CA ILE D 36 -15.88 1.17 0.31
C ILE D 36 -15.21 -0.05 -0.30
N PRO D 37 -14.95 -0.06 -1.60
CA PRO D 37 -14.27 -1.22 -2.21
C PRO D 37 -12.84 -1.34 -1.71
N GLY D 38 -12.35 -2.59 -1.69
CA GLY D 38 -10.99 -2.86 -1.30
C GLY D 38 -10.74 -2.74 0.19
N GLU D 39 -11.36 -3.61 0.97
CA GLU D 39 -11.17 -3.64 2.42
C GLU D 39 -10.24 -4.80 2.76
N VAL D 40 -9.32 -4.56 3.69
CA VAL D 40 -8.38 -5.59 4.13
C VAL D 40 -8.78 -6.02 5.53
N HIS D 41 -9.02 -7.32 5.70
CA HIS D 41 -9.36 -7.90 7.00
C HIS D 41 -8.18 -8.59 7.66
N ASN D 42 -7.21 -9.04 6.87
CA ASN D 42 -6.02 -9.71 7.39
C ASN D 42 -4.78 -9.14 6.73
N LEU D 43 -3.77 -8.82 7.54
CA LEU D 43 -2.52 -8.29 7.00
C LEU D 43 -1.80 -9.31 6.12
N LEU D 44 -2.10 -10.59 6.28
CA LEU D 44 -1.47 -11.61 5.44
C LEU D 44 -1.86 -11.49 3.97
N GLU D 45 -2.98 -10.83 3.68
CA GLU D 45 -3.41 -10.69 2.30
C GLU D 45 -2.42 -9.88 1.48
N ILE D 46 -1.85 -8.84 2.07
CA ILE D 46 -0.87 -8.02 1.34
C ILE D 46 0.36 -8.84 0.99
N CYS D 47 0.75 -9.77 1.86
CA CYS D 47 1.92 -10.60 1.61
C CYS D 47 1.73 -11.53 0.42
N ARG D 48 0.50 -11.91 0.10
CA ARG D 48 0.23 -12.84 -0.99
C ARG D 48 0.22 -12.17 -2.37
N VAL D 49 0.75 -10.95 -2.48
CA VAL D 49 0.77 -10.21 -3.73
C VAL D 49 2.19 -10.14 -4.26
N GLU D 50 2.34 -10.20 -5.57
CA GLU D 50 3.66 -10.21 -6.20
C GLU D 50 4.18 -8.78 -6.37
N THR D 51 5.43 -8.56 -5.97
CA THR D 51 6.07 -7.27 -6.08
C THR D 51 7.45 -7.44 -6.72
N ILE D 52 8.00 -6.32 -7.20
CA ILE D 52 9.27 -6.34 -7.91
C ILE D 52 10.41 -6.63 -6.93
N LEU D 53 11.43 -7.33 -7.42
CA LEU D 53 12.60 -7.68 -6.64
C LEU D 53 13.82 -6.93 -7.18
N GLU D 54 14.60 -6.35 -6.28
CA GLU D 54 15.77 -5.55 -6.66
C GLU D 54 17.00 -6.46 -6.65
N VAL D 55 17.18 -7.19 -7.75
CA VAL D 55 18.31 -8.12 -7.86
C VAL D 55 19.60 -7.36 -8.09
N ASN D 56 19.59 -6.40 -9.02
CA ASN D 56 20.80 -5.69 -9.42
C ASN D 56 21.07 -4.53 -8.46
N ASN D 57 21.46 -4.88 -7.24
CA ASN D 57 21.84 -3.90 -6.23
C ASN D 57 23.34 -3.62 -6.27
N LEU D 58 23.84 -3.26 -7.45
CA LEU D 58 25.26 -3.01 -7.61
C LEU D 58 25.65 -1.68 -6.96
N LYS D 59 26.94 -1.55 -6.66
CA LYS D 59 27.43 -0.32 -6.03
C LYS D 59 27.26 0.89 -6.94
N THR D 60 27.54 0.72 -8.23
CA THR D 60 27.43 1.83 -9.17
C THR D 60 25.98 2.21 -9.49
N ASN D 61 25.01 1.41 -9.05
CA ASN D 61 23.60 1.66 -9.33
C ASN D 61 22.96 2.59 -8.32
N GLU D 62 23.72 3.07 -7.32
CA GLU D 62 23.13 3.93 -6.29
C GLU D 62 22.65 5.25 -6.89
N THR D 63 23.43 5.84 -7.77
CA THR D 63 23.06 7.13 -8.36
C THR D 63 21.92 6.99 -9.37
N THR D 64 21.71 5.81 -9.95
CA THR D 64 20.68 5.58 -10.94
C THR D 64 19.85 4.36 -10.54
N PRO D 65 18.96 4.53 -9.56
CA PRO D 65 18.21 3.37 -9.04
C PRO D 65 17.29 2.73 -10.06
N MET D 66 16.96 3.42 -11.15
CA MET D 66 16.02 2.88 -12.12
C MET D 66 16.53 1.57 -12.73
N GLN D 67 17.85 1.39 -12.79
CA GLN D 67 18.43 0.18 -13.34
C GLN D 67 18.65 -0.90 -12.29
N ARG D 68 18.22 -0.66 -11.06
CA ARG D 68 18.38 -1.65 -9.99
C ARG D 68 17.21 -2.61 -9.87
N LEU D 69 16.23 -2.52 -10.77
CA LEU D 69 15.04 -3.36 -10.71
C LEU D 69 15.11 -4.56 -11.65
N CYS D 70 16.20 -4.74 -12.39
CA CYS D 70 16.31 -5.85 -13.33
C CYS D 70 17.78 -6.09 -13.64
N PHE D 71 18.05 -7.26 -14.21
CA PHE D 71 19.41 -7.64 -14.55
C PHE D 71 19.48 -8.04 -16.02
N PRO D 72 20.62 -7.81 -16.67
CA PRO D 72 20.71 -8.03 -18.11
C PRO D 72 20.98 -9.48 -18.46
N VAL D 73 20.61 -9.83 -19.69
CA VAL D 73 20.90 -11.14 -20.28
C VAL D 73 21.52 -10.90 -21.65
N SER D 74 22.68 -11.49 -21.90
CA SER D 74 23.40 -11.27 -23.15
C SER D 74 23.73 -12.59 -23.83
N VAL D 75 24.54 -12.53 -24.89
CA VAL D 75 24.97 -13.71 -25.62
C VAL D 75 26.34 -14.11 -25.12
N GLN D 76 26.47 -15.35 -24.65
CA GLN D 76 27.72 -15.84 -24.12
C GLN D 76 28.53 -16.57 -25.19
N GLY D 80 28.52 -22.30 -20.57
CA GLY D 80 27.33 -21.91 -19.81
C GLY D 80 27.67 -21.41 -18.42
N GLU D 81 27.63 -20.10 -18.24
CA GLU D 81 27.93 -19.46 -16.97
C GLU D 81 26.64 -19.04 -16.27
N LEU D 82 26.78 -18.33 -15.16
CA LEU D 82 25.66 -17.83 -14.39
C LEU D 82 25.46 -16.35 -14.66
N CYS D 83 24.28 -15.85 -14.30
CA CYS D 83 23.93 -14.45 -14.49
C CYS D 83 23.68 -13.71 -13.19
N ALA D 84 23.02 -14.33 -12.22
CA ALA D 84 22.73 -13.66 -10.96
C ALA D 84 22.57 -14.71 -9.86
N ALA D 85 22.75 -14.24 -8.62
CA ALA D 85 22.61 -15.10 -7.46
C ALA D 85 22.34 -14.24 -6.24
N PHE D 86 21.48 -14.72 -5.34
CA PHE D 86 21.15 -13.97 -4.15
C PHE D 86 20.56 -14.92 -3.11
N ARG D 87 20.61 -14.50 -1.86
CA ARG D 87 20.01 -15.27 -0.78
C ARG D 87 18.48 -15.15 -0.85
N ALA D 88 17.80 -16.17 -0.34
CA ALA D 88 16.35 -16.28 -0.46
C ALA D 88 15.61 -15.95 0.83
N ASP D 89 16.32 -15.53 1.88
CA ASP D 89 15.67 -15.21 3.14
C ASP D 89 15.03 -13.83 3.05
N PRO D 90 13.72 -13.70 3.26
CA PRO D 90 13.07 -12.38 3.08
C PRO D 90 13.40 -11.39 4.18
N GLY D 91 13.98 -11.82 5.29
CA GLY D 91 14.23 -10.91 6.40
C GLY D 91 15.54 -10.18 6.32
N ARG D 92 16.59 -10.88 5.87
CA ARG D 92 17.92 -10.27 5.84
C ARG D 92 17.96 -9.13 4.83
N ASP D 93 18.79 -8.13 5.15
CA ASP D 93 18.97 -7.01 4.24
C ASP D 93 19.53 -7.48 2.91
N GLY D 94 19.05 -6.87 1.83
CA GLY D 94 19.45 -7.25 0.50
C GLY D 94 18.33 -7.06 -0.50
N PRO D 95 18.30 -7.90 -1.53
CA PRO D 95 17.26 -7.75 -2.56
C PRO D 95 15.85 -7.83 -2.02
N TRP D 96 15.61 -8.65 -1.01
CA TRP D 96 14.27 -8.80 -0.47
C TRP D 96 13.78 -7.57 0.28
N GLN D 97 14.66 -6.61 0.56
CA GLN D 97 14.24 -5.42 1.30
C GLN D 97 13.26 -4.58 0.49
N SER D 98 13.37 -4.59 -0.84
CA SER D 98 12.48 -3.77 -1.66
C SER D 98 11.09 -4.36 -1.78
N THR D 99 10.92 -5.64 -1.49
CA THR D 99 9.62 -6.28 -1.60
C THR D 99 8.74 -5.93 -0.41
N ILE D 100 7.44 -5.77 -0.67
CA ILE D 100 6.51 -5.49 0.42
C ILE D 100 6.44 -6.68 1.37
N LEU D 101 6.66 -7.90 0.87
CA LEU D 101 6.70 -9.06 1.74
C LEU D 101 7.82 -8.95 2.76
N GLY D 102 9.03 -8.62 2.29
CA GLY D 102 10.13 -8.43 3.21
C GLY D 102 9.90 -7.25 4.15
N GLN D 103 9.33 -6.16 3.62
CA GLN D 103 9.06 -4.99 4.46
C GLN D 103 8.12 -5.34 5.59
N LEU D 104 7.06 -6.09 5.30
CA LEU D 104 6.17 -6.55 6.36
C LEU D 104 6.87 -7.51 7.30
N CYS D 105 7.70 -8.41 6.76
CA CYS D 105 8.40 -9.37 7.59
C CYS D 105 9.39 -8.71 8.54
N ARG D 106 9.83 -7.48 8.23
CA ARG D 106 10.65 -6.74 9.18
C ARG D 106 9.90 -6.45 10.48
N TYR D 107 8.57 -6.45 10.44
CA TYR D 107 7.76 -6.17 11.62
C TYR D 107 7.50 -7.40 12.47
N TYR D 108 7.98 -8.58 12.06
CA TYR D 108 7.77 -9.81 12.80
C TYR D 108 9.10 -10.54 12.95
N THR D 109 9.15 -11.45 13.90
CA THR D 109 10.38 -12.17 14.24
C THR D 109 10.43 -13.58 13.66
N GLN D 110 9.32 -14.31 13.73
CA GLN D 110 9.26 -15.68 13.27
C GLN D 110 8.27 -15.80 12.11
N TRP D 111 8.64 -16.58 11.10
CA TRP D 111 7.80 -16.79 9.94
C TRP D 111 7.99 -18.22 9.44
N SER D 112 6.98 -18.72 8.73
CA SER D 112 7.05 -20.05 8.15
C SER D 112 6.12 -20.12 6.94
N GLY D 113 6.49 -20.96 5.98
CA GLY D 113 5.72 -21.14 4.77
C GLY D 113 6.63 -21.14 3.56
N SER D 114 6.10 -21.66 2.45
CA SER D 114 6.84 -21.71 1.21
C SER D 114 6.75 -20.38 0.47
N LEU D 115 7.72 -20.13 -0.40
CA LEU D 115 7.79 -18.89 -1.16
C LEU D 115 7.74 -19.19 -2.65
N GLU D 116 7.28 -18.21 -3.42
CA GLU D 116 7.19 -18.36 -4.86
C GLU D 116 7.88 -17.17 -5.53
N VAL D 117 8.70 -17.47 -6.54
CA VAL D 117 9.42 -16.47 -7.30
C VAL D 117 9.04 -16.62 -8.76
N THR D 118 8.60 -15.51 -9.37
CA THR D 118 8.14 -15.50 -10.75
C THR D 118 9.00 -14.54 -11.56
N PHE D 119 9.43 -14.99 -12.73
CA PHE D 119 10.25 -14.18 -13.62
C PHE D 119 9.45 -13.80 -14.86
N MET D 120 9.91 -12.75 -15.54
CA MET D 120 9.24 -12.25 -16.73
C MET D 120 10.30 -11.76 -17.72
N PHE D 121 10.30 -12.34 -18.92
CA PHE D 121 11.21 -11.92 -19.97
C PHE D 121 10.69 -10.65 -20.64
N ALA D 122 11.62 -9.75 -20.97
CA ALA D 122 11.25 -8.48 -21.58
C ALA D 122 11.98 -8.22 -22.89
N GLY D 123 12.62 -9.23 -23.47
CA GLY D 123 13.37 -9.06 -24.70
C GLY D 123 12.46 -9.00 -25.92
N SER D 124 13.11 -9.00 -27.08
CA SER D 124 12.38 -8.93 -28.34
C SER D 124 11.63 -10.23 -28.59
N PHE D 125 10.65 -10.16 -29.50
CA PHE D 125 9.83 -11.32 -29.81
C PHE D 125 10.66 -12.41 -30.48
N MET D 126 11.55 -12.03 -31.40
CA MET D 126 12.34 -13.02 -32.12
C MET D 126 13.39 -13.69 -31.25
N ALA D 127 13.71 -13.10 -30.09
CA ALA D 127 14.68 -13.70 -29.20
C ALA D 127 14.16 -15.00 -28.62
N THR D 128 15.08 -15.92 -28.35
CA THR D 128 14.72 -17.23 -27.84
C THR D 128 15.90 -17.80 -27.06
N GLY D 129 15.62 -18.82 -26.26
CA GLY D 129 16.65 -19.46 -25.47
C GLY D 129 16.04 -20.23 -24.32
N LYS D 130 16.92 -20.88 -23.57
CA LYS D 130 16.52 -21.66 -22.40
C LYS D 130 17.43 -21.30 -21.24
N MET D 131 16.83 -21.00 -20.09
CA MET D 131 17.56 -20.65 -18.88
C MET D 131 17.18 -21.60 -17.76
N LEU D 132 18.15 -21.88 -16.89
CA LEU D 132 17.95 -22.80 -15.79
C LEU D 132 17.92 -22.03 -14.47
N ILE D 133 16.90 -22.26 -13.67
CA ILE D 133 16.73 -21.63 -12.36
C ILE D 133 16.81 -22.71 -11.31
N ALA D 134 17.73 -22.55 -10.36
CA ALA D 134 17.96 -23.56 -9.33
C ALA D 134 17.99 -22.91 -7.95
N TYR D 135 17.50 -23.66 -6.96
CA TYR D 135 17.52 -23.24 -5.57
C TYR D 135 18.29 -24.28 -4.76
N THR D 136 19.27 -23.82 -4.00
CA THR D 136 20.18 -24.70 -3.28
C THR D 136 19.99 -24.54 -1.77
N PRO D 137 19.57 -25.58 -1.06
CA PRO D 137 19.52 -25.52 0.40
C PRO D 137 20.92 -25.43 0.98
N PRO D 138 21.06 -24.91 2.22
CA PRO D 138 22.37 -24.75 2.86
C PRO D 138 23.15 -26.06 2.96
N VAL D 142 27.32 -21.79 -1.74
CA VAL D 142 27.14 -21.25 -3.08
C VAL D 142 27.73 -22.21 -4.12
N PRO D 143 26.93 -22.55 -5.13
CA PRO D 143 27.41 -23.46 -6.18
C PRO D 143 28.51 -22.80 -7.01
N ALA D 144 29.21 -23.65 -7.76
CA ALA D 144 30.32 -23.20 -8.60
C ALA D 144 30.04 -23.31 -10.09
N ASP D 145 29.18 -24.23 -10.53
CA ASP D 145 28.91 -24.40 -11.95
C ASP D 145 27.58 -25.13 -12.11
N ARG D 146 27.22 -25.37 -13.39
CA ARG D 146 25.91 -25.89 -13.70
C ARG D 146 25.72 -27.32 -13.20
N ILE D 147 26.71 -28.20 -13.43
CA ILE D 147 26.51 -29.59 -13.07
C ILE D 147 26.44 -29.77 -11.56
N THR D 148 27.21 -29.00 -10.79
CA THR D 148 27.10 -29.09 -9.34
C THR D 148 25.90 -28.32 -8.79
N ALA D 149 25.35 -27.39 -9.55
CA ALA D 149 24.14 -26.69 -9.12
C ALA D 149 22.86 -27.42 -9.52
N MET D 150 22.95 -28.40 -10.43
CA MET D 150 21.75 -29.09 -10.89
C MET D 150 21.26 -30.13 -9.88
N LEU D 151 22.08 -30.46 -8.88
CA LEU D 151 21.69 -31.45 -7.89
C LEU D 151 20.47 -30.99 -7.10
N GLY D 152 20.45 -29.73 -6.70
CA GLY D 152 19.33 -29.22 -5.92
C GLY D 152 18.09 -29.02 -6.77
N THR D 153 17.03 -28.56 -6.10
CA THR D 153 15.77 -28.30 -6.79
C THR D 153 15.97 -27.23 -7.86
N HIS D 154 15.45 -27.48 -9.05
CA HIS D 154 15.66 -26.58 -10.18
C HIS D 154 14.48 -26.68 -11.13
N VAL D 155 14.33 -25.65 -11.96
CA VAL D 155 13.26 -25.57 -12.94
C VAL D 155 13.85 -25.17 -14.28
N ILE D 156 13.55 -25.93 -15.32
CA ILE D 156 13.97 -25.59 -16.67
C ILE D 156 12.98 -24.60 -17.27
N TRP D 157 13.50 -23.49 -17.80
CA TRP D 157 12.67 -22.42 -18.32
C TRP D 157 12.96 -22.22 -19.81
N ASP D 158 11.89 -22.15 -20.60
CA ASP D 158 11.99 -21.88 -22.03
C ASP D 158 11.10 -20.70 -22.38
N PHE D 159 11.51 -19.95 -23.39
CA PHE D 159 10.77 -18.77 -23.80
C PHE D 159 9.69 -19.13 -24.82
N GLN D 162 3.58 -16.49 -24.42
CA GLN D 162 3.57 -16.49 -22.97
C GLN D 162 4.95 -16.79 -22.41
N SER D 163 5.40 -15.96 -21.47
CA SER D 163 6.72 -16.14 -20.86
C SER D 163 6.64 -15.66 -19.41
N SER D 164 6.36 -16.60 -18.51
CA SER D 164 6.36 -16.30 -17.08
C SER D 164 6.58 -17.62 -16.34
N VAL D 165 7.80 -17.84 -15.89
CA VAL D 165 8.14 -19.03 -15.12
C VAL D 165 7.90 -18.73 -13.64
N THR D 166 7.43 -19.73 -12.90
CA THR D 166 7.01 -19.54 -11.51
C THR D 166 7.79 -20.53 -10.63
N LEU D 167 9.00 -20.14 -10.22
CA LEU D 167 9.79 -20.97 -9.33
C LEU D 167 9.18 -20.95 -7.93
N VAL D 168 9.05 -22.13 -7.33
CA VAL D 168 8.50 -22.27 -5.99
C VAL D 168 9.63 -22.70 -5.06
N VAL D 169 9.76 -22.01 -3.92
CA VAL D 169 10.77 -22.34 -2.92
C VAL D 169 10.09 -23.15 -1.83
N PRO D 170 10.32 -24.46 -1.75
CA PRO D 170 9.66 -25.26 -0.71
C PRO D 170 10.21 -24.93 0.66
N TRP D 171 9.39 -25.20 1.68
CA TRP D 171 9.74 -24.91 3.06
C TRP D 171 10.41 -26.13 3.66
N ILE D 172 11.74 -26.08 3.77
CA ILE D 172 12.54 -27.12 4.41
C ILE D 172 13.35 -26.46 5.52
N SER D 173 13.10 -26.87 6.76
CA SER D 173 13.82 -26.30 7.89
C SER D 173 13.75 -27.28 9.06
N ASN D 174 14.81 -27.29 9.86
CA ASN D 174 14.87 -28.16 11.03
C ASN D 174 13.90 -27.73 12.12
N THR D 175 13.35 -26.52 12.03
CA THR D 175 12.44 -25.99 13.03
C THR D 175 11.14 -25.55 12.38
N HIS D 176 10.06 -25.56 13.18
CA HIS D 176 8.75 -25.20 12.65
C HIS D 176 8.71 -23.71 12.26
N TYR D 177 9.29 -22.85 13.08
CA TYR D 177 9.32 -21.41 12.81
C TYR D 177 10.76 -20.96 12.68
N ARG D 178 11.06 -20.25 11.60
CA ARG D 178 12.40 -19.74 11.35
C ARG D 178 12.46 -18.24 11.63
N ALA D 179 13.63 -17.78 12.06
CA ALA D 179 13.85 -16.39 12.38
C ALA D 179 14.70 -15.73 11.31
N HIS D 180 14.70 -14.40 11.30
CA HIS D 180 15.47 -13.65 10.32
C HIS D 180 16.96 -13.89 10.51
N ALA D 181 17.66 -14.11 9.40
CA ALA D 181 19.07 -14.46 9.43
C ALA D 181 19.95 -13.22 9.55
N ARG D 182 21.16 -13.43 10.05
CA ARG D 182 22.17 -12.39 10.20
C ARG D 182 23.51 -13.07 10.46
N ALA D 183 24.51 -12.29 10.82
CA ALA D 183 25.84 -12.82 11.14
C ALA D 183 25.91 -13.16 12.62
N GLY D 184 26.39 -14.37 12.92
CA GLY D 184 26.49 -14.80 14.30
C GLY D 184 25.80 -16.13 14.56
N TYR D 185 25.18 -16.27 15.73
CA TYR D 185 24.41 -17.48 16.01
C TYR D 185 23.24 -17.59 15.06
N PHE D 186 22.67 -16.47 14.62
CA PHE D 186 21.50 -16.49 13.75
C PHE D 186 21.80 -17.01 12.36
N ASP D 187 23.08 -17.21 12.02
CA ASP D 187 23.43 -17.85 10.76
C ASP D 187 22.79 -19.22 10.65
N TYR D 188 22.58 -19.90 11.79
CA TYR D 188 21.95 -21.22 11.77
C TYR D 188 20.54 -21.19 11.22
N TYR D 189 19.92 -20.01 11.13
CA TYR D 189 18.56 -19.87 10.64
C TYR D 189 18.50 -19.52 9.15
N THR D 190 19.59 -19.71 8.42
CA THR D 190 19.59 -19.41 7.00
C THR D 190 18.67 -20.36 6.25
N THR D 191 18.41 -20.04 4.99
CA THR D 191 17.43 -20.80 4.22
C THR D 191 17.98 -21.36 2.91
N GLY D 192 18.96 -20.68 2.32
CA GLY D 192 19.55 -21.17 1.09
C GLY D 192 19.93 -20.12 0.08
N ILE D 193 20.41 -20.56 -1.08
CA ILE D 193 20.92 -19.68 -2.13
C ILE D 193 20.17 -19.96 -3.42
N ILE D 194 19.75 -18.91 -4.11
CA ILE D 194 19.06 -19.01 -5.40
C ILE D 194 20.04 -18.57 -6.48
N THR D 195 20.12 -19.35 -7.56
CA THR D 195 21.02 -19.05 -8.66
C THR D 195 20.37 -19.44 -9.98
N ILE D 196 20.83 -18.82 -11.05
CA ILE D 196 20.30 -19.05 -12.40
C ILE D 196 21.47 -19.23 -13.35
N TRP D 197 21.30 -20.16 -14.30
CA TRP D 197 22.37 -20.51 -15.22
C TRP D 197 21.83 -20.61 -16.64
N TYR D 198 22.74 -20.45 -17.61
CA TYR D 198 22.38 -20.56 -19.02
C TYR D 198 22.27 -22.02 -19.40
N GLN D 199 21.05 -22.49 -19.68
CA GLN D 199 20.89 -23.82 -20.25
C GLN D 199 21.40 -23.84 -21.68
N THR D 200 20.99 -22.85 -22.49
CA THR D 200 21.48 -22.66 -23.84
C THR D 200 21.76 -21.19 -24.05
N ASN D 201 22.59 -20.88 -25.05
CA ASN D 201 22.96 -19.50 -25.30
C ASN D 201 21.75 -18.70 -25.79
N TYR D 202 21.79 -17.40 -25.53
CA TYR D 202 20.72 -16.48 -25.90
C TYR D 202 20.84 -16.20 -27.40
N VAL D 203 20.03 -16.90 -28.18
CA VAL D 203 20.11 -16.83 -29.64
C VAL D 203 19.19 -15.72 -30.14
N VAL D 204 19.73 -14.83 -30.97
CA VAL D 204 18.97 -13.74 -31.54
C VAL D 204 19.28 -13.67 -33.03
N PRO D 205 18.31 -13.35 -33.89
CA PRO D 205 18.61 -13.20 -35.32
C PRO D 205 19.25 -11.85 -35.60
N ILE D 206 19.59 -11.64 -36.87
CA ILE D 206 20.24 -10.39 -37.27
C ILE D 206 19.23 -9.24 -37.21
N GLY D 207 19.76 -8.03 -37.11
CA GLY D 207 18.93 -6.84 -37.03
C GLY D 207 18.04 -6.80 -35.80
N ALA D 208 18.53 -7.30 -34.68
CA ALA D 208 17.79 -7.31 -33.43
C ALA D 208 18.74 -7.00 -32.28
N PRO D 209 18.24 -6.47 -31.18
CA PRO D 209 19.12 -6.19 -30.03
C PRO D 209 19.75 -7.46 -29.51
N THR D 210 21.01 -7.37 -29.10
CA THR D 210 21.76 -8.49 -28.58
C THR D 210 21.73 -8.57 -27.05
N THR D 211 21.00 -7.67 -26.40
CA THR D 211 20.90 -7.66 -24.95
C THR D 211 19.44 -7.57 -24.54
N ALA D 212 19.06 -8.33 -23.53
CA ALA D 212 17.70 -8.34 -23.01
C ALA D 212 17.73 -8.26 -21.49
N TYR D 213 16.67 -7.72 -20.92
CA TYR D 213 16.56 -7.53 -19.48
C TYR D 213 15.45 -8.41 -18.95
N ILE D 214 15.67 -8.96 -17.75
CA ILE D 214 14.71 -9.84 -17.10
C ILE D 214 14.37 -9.26 -15.74
N VAL D 215 13.09 -9.09 -15.47
CA VAL D 215 12.62 -8.59 -14.19
C VAL D 215 12.27 -9.77 -13.29
N ALA D 216 12.34 -9.54 -11.98
CA ALA D 216 12.07 -10.57 -11.00
C ALA D 216 10.92 -10.14 -10.11
N LEU D 217 9.93 -11.01 -9.95
CA LEU D 217 8.78 -10.74 -9.10
C LEU D 217 8.71 -11.80 -8.00
N ALA D 218 8.47 -11.34 -6.78
CA ALA D 218 8.45 -12.22 -5.62
C ALA D 218 7.13 -12.06 -4.88
N ALA D 219 6.67 -13.15 -4.29
CA ALA D 219 5.42 -13.17 -3.54
C ALA D 219 5.49 -14.32 -2.52
N ALA D 220 4.40 -14.50 -1.77
CA ALA D 220 4.31 -15.54 -0.77
C ALA D 220 3.21 -16.51 -1.13
N GLN D 221 3.38 -17.76 -0.71
CA GLN D 221 2.44 -18.82 -1.03
C GLN D 221 1.25 -18.75 -0.06
N ASP D 222 0.35 -19.74 -0.17
CA ASP D 222 -0.86 -19.73 0.63
C ASP D 222 -0.61 -20.11 2.09
N ASN D 223 0.39 -20.97 2.35
CA ASN D 223 0.64 -21.48 3.69
C ASN D 223 1.61 -20.60 4.48
N PHE D 224 1.69 -19.31 4.15
CA PHE D 224 2.55 -18.39 4.89
C PHE D 224 1.92 -18.02 6.22
N THR D 225 2.78 -17.69 7.19
CA THR D 225 2.32 -17.27 8.51
C THR D 225 3.42 -16.47 9.18
N MET D 226 3.03 -15.68 10.18
CA MET D 226 3.97 -14.86 10.92
C MET D 226 3.49 -14.72 12.36
N LYS D 227 4.42 -14.38 13.25
CA LYS D 227 4.11 -14.22 14.66
C LYS D 227 5.18 -13.33 15.28
N LEU D 228 4.98 -12.99 16.56
CA LEU D 228 5.94 -12.22 17.35
C LEU D 228 6.20 -10.85 16.70
N CYS D 229 5.15 -10.04 16.69
CA CYS D 229 5.24 -8.70 16.12
C CYS D 229 6.30 -7.87 16.83
N LYS D 230 7.10 -7.15 16.05
CA LYS D 230 8.17 -6.31 16.56
C LYS D 230 8.18 -4.98 15.81
N ASP D 231 8.87 -4.01 16.38
CA ASP D 231 9.00 -2.68 15.79
C ASP D 231 10.41 -2.52 15.24
N THR D 232 10.51 -2.11 13.98
CA THR D 232 11.80 -1.90 13.34
C THR D 232 12.22 -0.43 13.42
#